data_8QTL
#
_entry.id   8QTL
#
_cell.length_a   88.343
_cell.length_b   116.032
_cell.length_c   131.035
_cell.angle_alpha   90.00
_cell.angle_beta   90.00
_cell.angle_gamma   90.00
#
_symmetry.space_group_name_H-M   'P 21 21 21'
#
loop_
_entity.id
_entity.type
_entity.pdbx_description
1 polymer 'Soluble acetylcholine receptor'
2 branched alpha-D-mannopyranose-(1-3)-beta-D-mannopyranose-(1-4)-2-acetamido-2-deoxy-beta-D-glucopyranose-(1-4)-2-acetamido-2-deoxy-beta-D-glucopyranose
3 non-polymer 'Spiroimine (-)-4 S'
4 non-polymer 'CHLORIDE ION'
5 non-polymer 'ISOPROPYL ALCOHOL'
6 water water
#
_entity_poly.entity_id   1
_entity_poly.type   'polypeptide(L)'
_entity_poly.pdbx_seq_one_letter_code
;DYKDDDDKLHSQANLMRLKSDLFNRSPMYPGPTKDDPLTVTLGFTLQDIVKADSSTNEVDLVYYEQQRWKLNSLMWDPNE
YGNITDFRTSAADIWTPDITAYSSTRPVQVLSPQIAVVTHDGSVMFIPAQRLSFMCDPTGVDSEEGATCAVKFGSWVYSG
FEIDLKTDTDQVDLSSYYASSKYEILSATQTRQVQHYSCCPEPYIDVNLVVKFRERR
;
_entity_poly.pdbx_strand_id   A,B,C,D,E
#
# COMPACT_ATOMS: atom_id res chain seq x y z
N ASP A 7 36.89 22.31 0.97
CA ASP A 7 37.12 21.14 1.88
C ASP A 7 35.78 20.42 2.13
N LYS A 8 34.71 21.18 2.39
CA LYS A 8 33.32 20.65 2.51
C LYS A 8 32.89 20.06 1.16
N LEU A 9 33.23 20.73 0.05
CA LEU A 9 33.04 20.24 -1.35
C LEU A 9 33.81 18.92 -1.54
N HIS A 10 35.06 18.86 -1.06
CA HIS A 10 35.98 17.69 -1.18
C HIS A 10 35.44 16.49 -0.39
N SER A 11 35.00 16.71 0.86
CA SER A 11 34.42 15.65 1.72
C SER A 11 33.18 15.08 1.01
N GLN A 12 32.31 15.94 0.47
CA GLN A 12 31.12 15.53 -0.32
C GLN A 12 31.54 14.76 -1.58
N ALA A 13 32.57 15.22 -2.30
CA ALA A 13 33.13 14.56 -3.51
C ALA A 13 33.63 13.15 -3.14
N ASN A 14 34.37 13.05 -2.03
CA ASN A 14 34.96 11.78 -1.54
C ASN A 14 33.85 10.79 -1.16
N LEU A 15 32.83 11.26 -0.44
CA LEU A 15 31.71 10.37 -0.02
C LEU A 15 30.98 9.89 -1.28
N MET A 16 30.64 10.79 -2.20
CA MET A 16 29.92 10.41 -3.46
C MET A 16 30.77 9.39 -4.21
N ARG A 17 32.08 9.59 -4.29
CA ARG A 17 33.01 8.66 -5.01
C ARG A 17 33.08 7.31 -4.28
N LEU A 18 33.14 7.30 -2.94
CA LEU A 18 33.18 6.03 -2.14
C LEU A 18 31.94 5.18 -2.42
N LYS A 19 30.77 5.80 -2.42
CA LYS A 19 29.47 5.11 -2.61
C LYS A 19 29.39 4.56 -4.04
N SER A 20 29.76 5.36 -5.05
CA SER A 20 29.85 4.92 -6.47
C SER A 20 30.83 3.75 -6.58
N ASP A 21 31.97 3.82 -5.89
CA ASP A 21 32.96 2.71 -5.91
C ASP A 21 32.34 1.46 -5.28
N LEU A 22 31.66 1.56 -4.14
CA LEU A 22 31.09 0.36 -3.44
C LEU A 22 29.86 -0.17 -4.21
N PHE A 23 28.99 0.70 -4.73
CA PHE A 23 27.68 0.29 -5.29
C PHE A 23 27.76 0.08 -6.82
N ASN A 24 28.33 1.02 -7.57
CA ASN A 24 28.32 1.02 -9.05
C ASN A 24 29.51 0.24 -9.62
N ARG A 25 30.60 0.05 -8.86
CA ARG A 25 31.78 -0.73 -9.30
C ARG A 25 31.47 -2.24 -9.21
N SER A 26 30.79 -2.69 -8.15
CA SER A 26 30.38 -4.11 -7.97
C SER A 26 29.28 -4.21 -6.90
N TYR A 29 26.57 -8.01 -3.71
CA TYR A 29 26.67 -9.18 -2.81
C TYR A 29 25.40 -10.00 -2.95
N PRO A 30 25.52 -11.30 -3.30
CA PRO A 30 24.36 -12.14 -3.59
C PRO A 30 23.72 -12.78 -2.35
N GLY A 31 24.17 -12.39 -1.16
CA GLY A 31 23.76 -13.02 0.10
C GLY A 31 24.71 -14.15 0.51
N PRO A 32 24.55 -14.68 1.74
CA PRO A 32 25.42 -15.73 2.26
C PRO A 32 25.19 -17.10 1.62
N THR A 33 26.19 -17.97 1.68
CA THR A 33 26.19 -19.35 1.13
C THR A 33 26.85 -20.27 2.15
N LYS A 34 26.77 -21.57 1.93
CA LYS A 34 27.41 -22.59 2.81
C LYS A 34 28.93 -22.33 2.87
N ASP A 35 29.53 -21.85 1.78
CA ASP A 35 31.00 -21.63 1.68
C ASP A 35 31.37 -20.27 2.27
N ASP A 36 30.40 -19.34 2.30
CA ASP A 36 30.59 -17.93 2.74
C ASP A 36 29.47 -17.56 3.71
N PRO A 37 29.39 -18.18 4.92
CA PRO A 37 28.28 -17.94 5.83
C PRO A 37 28.44 -16.62 6.58
N LEU A 38 27.33 -16.05 7.02
CA LEU A 38 27.32 -14.71 7.65
C LEU A 38 26.77 -14.87 9.06
N THR A 39 27.40 -14.22 10.03
CA THR A 39 26.85 -14.12 11.41
C THR A 39 26.14 -12.79 11.56
N VAL A 40 24.88 -12.84 12.00
CA VAL A 40 24.11 -11.61 12.25
C VAL A 40 23.93 -11.49 13.76
N THR A 41 24.30 -10.34 14.34
CA THR A 41 24.07 -10.10 15.79
C THR A 41 22.72 -9.36 15.90
N LEU A 42 21.86 -9.83 16.78
CA LEU A 42 20.52 -9.23 17.04
C LEU A 42 20.48 -8.80 18.48
N GLY A 43 19.80 -7.69 18.73
CA GLY A 43 19.52 -7.16 20.07
C GLY A 43 18.21 -6.41 20.05
N PHE A 44 17.36 -6.64 21.05
CA PHE A 44 16.04 -5.98 21.14
C PHE A 44 16.06 -4.92 22.23
N THR A 45 15.47 -3.77 21.92
CA THR A 45 15.13 -2.70 22.87
C THR A 45 13.61 -2.61 22.94
N LEU A 46 13.01 -3.03 24.04
CA LEU A 46 11.53 -3.09 24.15
C LEU A 46 11.04 -1.72 24.66
N GLN A 47 10.24 -1.05 23.85
CA GLN A 47 9.74 0.31 24.17
C GLN A 47 8.36 0.24 24.83
N ASP A 48 7.49 -0.66 24.41
CA ASP A 48 6.11 -0.70 24.93
C ASP A 48 5.43 -2.01 24.59
N ILE A 49 4.68 -2.54 25.54
CA ILE A 49 3.55 -3.47 25.27
C ILE A 49 2.31 -2.59 25.15
N VAL A 50 1.84 -2.41 23.91
CA VAL A 50 0.75 -1.45 23.60
C VAL A 50 -0.60 -2.08 23.99
N LYS A 51 -0.80 -3.35 23.65
CA LYS A 51 -2.14 -3.99 23.60
C LYS A 51 -1.97 -5.47 23.89
N ALA A 52 -2.82 -6.03 24.75
CA ALA A 52 -2.89 -7.47 25.02
C ALA A 52 -4.36 -7.90 24.90
N ASP A 53 -4.69 -8.59 23.81
CA ASP A 53 -6.09 -8.86 23.39
C ASP A 53 -6.43 -10.29 23.83
N SER A 54 -7.17 -10.45 24.93
CA SER A 54 -7.48 -11.79 25.45
C SER A 54 -8.58 -12.44 24.61
N SER A 55 -9.22 -11.71 23.68
CA SER A 55 -10.28 -12.29 22.81
C SER A 55 -9.64 -13.03 21.63
N THR A 56 -8.42 -12.67 21.21
CA THR A 56 -7.76 -13.32 20.04
C THR A 56 -6.40 -13.89 20.45
N ASN A 57 -5.94 -13.64 21.68
CA ASN A 57 -4.56 -14.05 22.11
C ASN A 57 -3.54 -13.49 21.12
N GLU A 58 -3.58 -12.17 20.94
CA GLU A 58 -2.57 -11.40 20.22
C GLU A 58 -2.07 -10.33 21.18
N VAL A 59 -0.76 -10.11 21.17
CA VAL A 59 -0.15 -9.00 21.94
C VAL A 59 0.66 -8.13 20.97
N ASP A 60 0.63 -6.82 21.21
CA ASP A 60 1.27 -5.86 20.30
C ASP A 60 2.46 -5.24 21.03
N LEU A 61 3.65 -5.34 20.44
CA LEU A 61 4.90 -4.81 20.98
C LEU A 61 5.42 -3.69 20.08
N VAL A 62 6.02 -2.68 20.69
CA VAL A 62 6.84 -1.66 19.99
C VAL A 62 8.27 -1.83 20.49
N TYR A 63 9.22 -2.02 19.59
CA TYR A 63 10.63 -2.27 19.95
C TYR A 63 11.51 -1.80 18.81
N TYR A 64 12.80 -1.66 19.07
CA TYR A 64 13.75 -1.56 17.96
C TYR A 64 14.68 -2.75 18.01
N GLU A 65 14.99 -3.25 16.82
CA GLU A 65 15.74 -4.47 16.62
C GLU A 65 17.10 -4.07 16.04
N GLN A 66 18.15 -4.13 16.85
CA GLN A 66 19.52 -3.81 16.36
C GLN A 66 20.07 -5.01 15.58
N GLN A 67 20.43 -4.80 14.33
CA GLN A 67 21.03 -5.85 13.46
C GLN A 67 22.45 -5.42 13.10
N ARG A 68 23.43 -6.31 13.21
CA ARG A 68 24.84 -6.05 12.84
C ARG A 68 25.40 -7.27 12.09
N TRP A 69 26.13 -7.00 11.01
CA TRP A 69 26.86 -8.02 10.20
C TRP A 69 28.05 -7.32 9.56
N LYS A 70 28.92 -8.09 8.92
CA LYS A 70 30.19 -7.60 8.36
C LYS A 70 30.43 -8.30 7.02
N LEU A 71 30.67 -7.51 5.97
CA LEU A 71 30.97 -8.03 4.60
C LEU A 71 32.32 -7.47 4.13
N ASN A 72 33.12 -8.30 3.47
CA ASN A 72 34.42 -7.90 2.88
C ASN A 72 34.17 -6.94 1.72
N SER A 73 33.08 -7.10 0.98
CA SER A 73 32.69 -6.25 -0.17
C SER A 73 32.34 -4.83 0.29
N LEU A 74 32.15 -4.60 1.59
CA LEU A 74 31.77 -3.24 2.07
C LEU A 74 32.96 -2.51 2.70
N MET A 75 34.16 -3.10 2.73
CA MET A 75 35.31 -2.45 3.43
C MET A 75 36.12 -1.61 2.42
N TRP A 76 36.64 -0.49 2.90
CA TRP A 76 37.48 0.46 2.12
C TRP A 76 38.59 1.03 3.01
N ASP A 77 39.61 1.60 2.37
CA ASP A 77 40.75 2.28 3.04
C ASP A 77 40.36 3.75 3.20
N PRO A 78 40.09 4.23 4.43
CA PRO A 78 39.71 5.62 4.66
C PRO A 78 40.68 6.67 4.07
N ASN A 79 41.96 6.33 4.00
CA ASN A 79 43.04 7.17 3.42
C ASN A 79 42.75 7.45 1.93
N GLU A 80 41.95 6.61 1.24
CA GLU A 80 41.68 6.77 -0.21
C GLU A 80 40.44 7.63 -0.47
N TYR A 81 39.71 8.02 0.58
CA TYR A 81 38.45 8.80 0.51
C TYR A 81 38.40 9.83 1.65
N GLY A 82 39.35 10.77 1.65
CA GLY A 82 39.40 11.91 2.57
C GLY A 82 39.19 11.52 4.03
N ASN A 83 39.69 10.33 4.44
CA ASN A 83 39.61 9.81 5.83
C ASN A 83 38.16 9.59 6.28
N ILE A 84 37.25 9.27 5.35
CA ILE A 84 35.87 8.80 5.70
C ILE A 84 35.98 7.42 6.34
N THR A 85 35.36 7.24 7.52
CA THR A 85 35.42 5.98 8.32
C THR A 85 34.05 5.29 8.33
N ASP A 86 32.97 6.03 8.06
CA ASP A 86 31.60 5.46 7.96
C ASP A 86 30.72 6.38 7.11
N PHE A 87 29.55 5.87 6.72
CA PHE A 87 28.53 6.66 6.03
C PHE A 87 27.15 6.07 6.31
N ARG A 88 26.13 6.91 6.16
CA ARG A 88 24.71 6.51 6.21
C ARG A 88 24.26 6.18 4.79
N THR A 89 23.42 5.18 4.63
CA THR A 89 22.89 4.84 3.30
C THR A 89 21.51 4.21 3.44
N SER A 90 20.66 4.45 2.45
CA SER A 90 19.36 3.77 2.35
C SER A 90 19.56 2.26 2.50
N ALA A 91 18.71 1.61 3.28
CA ALA A 91 18.74 0.14 3.46
C ALA A 91 18.58 -0.57 2.10
N ALA A 92 18.00 0.08 1.08
CA ALA A 92 17.77 -0.50 -0.27
C ALA A 92 19.06 -0.55 -1.10
N ASP A 93 20.11 0.19 -0.72
CA ASP A 93 21.39 0.22 -1.48
C ASP A 93 22.24 -1.01 -1.13
N ILE A 94 21.89 -1.74 -0.07
CA ILE A 94 22.72 -2.85 0.48
C ILE A 94 21.86 -4.09 0.70
N TRP A 95 22.52 -5.25 0.72
CA TRP A 95 21.89 -6.50 1.18
C TRP A 95 21.53 -6.35 2.65
N THR A 96 20.33 -6.77 3.06
CA THR A 96 19.96 -6.83 4.49
C THR A 96 19.39 -8.21 4.78
N PRO A 97 19.58 -8.72 5.99
CA PRO A 97 19.10 -10.07 6.31
C PRO A 97 17.58 -10.09 6.52
N ASP A 98 17.00 -11.24 6.18
CA ASP A 98 15.53 -11.46 6.16
C ASP A 98 15.06 -11.94 7.54
N ILE A 99 15.43 -11.20 8.59
CA ILE A 99 15.09 -11.59 9.99
C ILE A 99 13.59 -11.36 10.14
N THR A 100 12.87 -12.40 10.56
CA THR A 100 11.40 -12.45 10.62
C THR A 100 10.97 -12.98 11.99
N ALA A 101 9.88 -12.44 12.53
CA ALA A 101 9.18 -13.09 13.67
C ALA A 101 8.50 -14.36 13.14
N TYR A 102 8.56 -15.45 13.88
CA TYR A 102 8.01 -16.72 13.38
C TYR A 102 6.55 -16.88 13.76
N SER A 103 5.98 -16.02 14.60
CA SER A 103 4.59 -16.19 15.09
C SER A 103 3.85 -14.84 15.09
N SER A 104 4.17 -13.99 14.12
CA SER A 104 3.41 -12.74 13.83
C SER A 104 1.99 -13.12 13.40
N THR A 105 1.03 -12.26 13.68
CA THR A 105 -0.38 -12.45 13.25
C THR A 105 -0.79 -11.35 12.26
N ARG A 106 0.07 -10.35 12.07
CA ARG A 106 -0.15 -9.23 11.12
CA ARG A 106 -0.14 -9.22 11.13
C ARG A 106 1.22 -8.84 10.58
N PRO A 107 1.29 -8.21 9.38
CA PRO A 107 2.56 -7.73 8.86
C PRO A 107 3.14 -6.71 9.85
N VAL A 108 4.45 -6.79 10.08
CA VAL A 108 5.18 -5.83 10.96
C VAL A 108 4.98 -4.44 10.40
N GLN A 109 4.81 -3.44 11.27
CA GLN A 109 4.72 -2.02 10.82
C GLN A 109 6.02 -1.32 11.19
N VAL A 110 6.66 -0.71 10.19
CA VAL A 110 8.00 -0.07 10.35
C VAL A 110 7.74 1.35 10.85
N LEU A 111 8.42 1.72 11.93
CA LEU A 111 8.20 3.01 12.62
C LEU A 111 9.40 3.95 12.40
N SER A 112 10.47 3.48 11.76
CA SER A 112 11.71 4.27 11.60
C SER A 112 12.13 4.28 10.13
N PRO A 113 12.95 5.27 9.73
CA PRO A 113 13.57 5.31 8.42
C PRO A 113 14.45 4.10 8.09
N GLN A 114 14.41 3.63 6.84
CA GLN A 114 15.15 2.42 6.41
C GLN A 114 16.55 2.86 5.97
N ILE A 115 17.39 3.25 6.93
CA ILE A 115 18.76 3.77 6.68
C ILE A 115 19.69 2.96 7.57
N ALA A 116 20.84 2.51 7.04
CA ALA A 116 21.86 1.75 7.78
C ALA A 116 23.13 2.61 7.87
N VAL A 117 24.03 2.21 8.77
CA VAL A 117 25.38 2.81 8.91
C VAL A 117 26.39 1.75 8.51
N VAL A 118 27.25 2.10 7.55
CA VAL A 118 28.31 1.20 7.02
C VAL A 118 29.64 1.80 7.47
N THR A 119 30.50 0.96 8.04
CA THR A 119 31.83 1.32 8.59
C THR A 119 32.90 0.70 7.67
N HIS A 120 34.08 1.31 7.63
CA HIS A 120 35.17 1.04 6.65
C HIS A 120 35.69 -0.40 6.78
N ASP A 121 35.49 -1.05 7.93
CA ASP A 121 35.87 -2.47 8.16
C ASP A 121 34.80 -3.39 7.53
N GLY A 122 33.75 -2.83 6.94
CA GLY A 122 32.72 -3.59 6.21
C GLY A 122 31.55 -3.95 7.12
N SER A 123 31.55 -3.44 8.36
CA SER A 123 30.48 -3.73 9.33
C SER A 123 29.28 -2.82 9.04
N VAL A 124 28.07 -3.35 9.23
CA VAL A 124 26.80 -2.65 8.96
C VAL A 124 25.99 -2.69 10.26
N MET A 125 25.38 -1.56 10.61
CA MET A 125 24.41 -1.52 11.73
C MET A 125 23.11 -0.92 11.20
N PHE A 126 22.01 -1.64 11.45
CA PHE A 126 20.66 -1.31 10.94
C PHE A 126 19.70 -1.50 12.12
N ILE A 127 18.97 -0.46 12.51
CA ILE A 127 18.11 -0.52 13.73
C ILE A 127 16.66 -0.14 13.39
N PRO A 128 15.90 -1.06 12.77
CA PRO A 128 14.48 -0.81 12.47
C PRO A 128 13.63 -0.86 13.75
N ALA A 129 12.85 0.20 13.98
CA ALA A 129 11.79 0.28 14.99
C ALA A 129 10.52 -0.32 14.37
N GLN A 130 9.84 -1.17 15.12
CA GLN A 130 8.72 -1.99 14.58
C GLN A 130 7.58 -2.05 15.60
N ARG A 131 6.37 -2.14 15.09
CA ARG A 131 5.20 -2.60 15.86
C ARG A 131 4.85 -4.02 15.37
N LEU A 132 4.81 -4.96 16.31
CA LEU A 132 4.56 -6.39 16.00
C LEU A 132 3.32 -6.87 16.76
N SER A 133 2.40 -7.50 16.05
CA SER A 133 1.33 -8.32 16.66
C SER A 133 1.80 -9.78 16.60
N PHE A 134 1.80 -10.49 17.72
CA PHE A 134 2.21 -11.92 17.74
C PHE A 134 1.31 -12.72 18.67
N MET A 135 1.43 -14.03 18.51
CA MET A 135 0.59 -15.00 19.22
C MET A 135 0.99 -15.03 20.70
N CYS A 136 0.07 -14.66 21.57
CA CYS A 136 0.36 -14.52 23.02
C CYS A 136 -0.97 -14.60 23.77
N ASP A 137 -1.03 -15.52 24.72
CA ASP A 137 -2.15 -15.66 25.68
C ASP A 137 -1.82 -14.82 26.91
N PRO A 138 -2.48 -13.67 27.14
CA PRO A 138 -2.17 -12.82 28.28
C PRO A 138 -2.83 -13.26 29.60
N THR A 139 -3.38 -14.48 29.65
CA THR A 139 -3.90 -15.11 30.91
C THR A 139 -2.90 -14.86 32.04
N GLY A 140 -3.34 -14.25 33.14
CA GLY A 140 -2.52 -13.99 34.33
C GLY A 140 -1.88 -12.60 34.34
N VAL A 141 -2.06 -11.81 33.27
CA VAL A 141 -1.50 -10.42 33.20
C VAL A 141 -2.06 -9.59 34.37
N ASP A 142 -3.24 -9.94 34.88
CA ASP A 142 -3.95 -9.19 35.95
C ASP A 142 -3.64 -9.82 37.32
N SER A 143 -2.46 -10.42 37.50
CA SER A 143 -2.00 -11.04 38.76
C SER A 143 -0.56 -10.60 39.05
N GLU A 144 -0.08 -10.87 40.27
CA GLU A 144 1.29 -10.52 40.70
C GLU A 144 2.31 -11.21 39.78
N GLU A 145 2.07 -12.48 39.44
CA GLU A 145 3.00 -13.35 38.67
C GLU A 145 3.02 -12.91 37.20
N GLY A 146 1.93 -12.30 36.72
CA GLY A 146 1.84 -11.79 35.34
C GLY A 146 1.68 -12.89 34.31
N ALA A 147 1.86 -12.54 33.04
CA ALA A 147 1.73 -13.44 31.88
C ALA A 147 3.13 -13.63 31.31
N THR A 148 3.32 -14.72 30.59
CA THR A 148 4.58 -15.02 29.88
C THR A 148 4.24 -15.24 28.41
N CYS A 149 4.92 -14.57 27.50
CA CYS A 149 4.82 -14.91 26.07
C CYS A 149 6.21 -14.93 25.45
N ALA A 150 6.35 -15.60 24.32
CA ALA A 150 7.63 -15.75 23.62
C ALA A 150 7.38 -15.65 22.11
N VAL A 151 8.38 -15.15 21.39
CA VAL A 151 8.39 -15.08 19.92
C VAL A 151 9.82 -15.29 19.45
N LYS A 152 9.96 -16.19 18.48
CA LYS A 152 11.27 -16.48 17.84
C LYS A 152 11.47 -15.55 16.65
N PHE A 153 12.71 -15.07 16.49
CA PHE A 153 13.17 -14.28 15.33
C PHE A 153 14.34 -14.99 14.65
N GLY A 154 14.30 -15.06 13.33
CA GLY A 154 15.41 -15.61 12.56
C GLY A 154 15.20 -15.42 11.09
N SER A 155 16.16 -15.88 10.29
CA SER A 155 16.02 -15.86 8.82
C SER A 155 14.81 -16.72 8.47
N TRP A 156 14.01 -16.28 7.53
CA TRP A 156 12.91 -17.08 6.95
C TRP A 156 13.47 -18.14 5.98
N VAL A 157 14.53 -17.83 5.22
CA VAL A 157 14.93 -18.69 4.05
C VAL A 157 16.33 -19.27 4.22
N TYR A 158 17.15 -18.77 5.14
CA TYR A 158 18.53 -19.28 5.28
C TYR A 158 18.61 -20.18 6.51
N SER A 159 19.20 -21.37 6.36
CA SER A 159 19.48 -22.28 7.50
C SER A 159 20.73 -21.81 8.23
N GLY A 160 21.06 -22.48 9.34
CA GLY A 160 22.30 -22.31 10.12
C GLY A 160 23.56 -22.47 9.29
N PHE A 161 23.51 -23.15 8.16
CA PHE A 161 24.63 -23.34 7.21
C PHE A 161 24.98 -22.04 6.49
N GLU A 162 24.03 -21.10 6.36
CA GLU A 162 24.26 -19.83 5.62
C GLU A 162 24.24 -18.63 6.57
N ILE A 163 23.28 -18.57 7.50
CA ILE A 163 23.21 -17.48 8.49
C ILE A 163 23.22 -18.08 9.90
N ASP A 164 24.18 -17.63 10.70
CA ASP A 164 24.19 -17.88 12.16
C ASP A 164 23.73 -16.59 12.84
N LEU A 165 23.15 -16.71 14.03
CA LEU A 165 22.75 -15.54 14.83
C LEU A 165 23.51 -15.55 16.14
N LYS A 166 23.68 -14.36 16.68
CA LYS A 166 24.39 -14.11 17.94
C LYS A 166 23.62 -13.00 18.68
N THR A 167 23.61 -13.04 20.00
CA THR A 167 23.26 -11.86 20.84
C THR A 167 24.53 -11.41 21.57
N ASP A 168 24.66 -10.12 21.87
CA ASP A 168 25.77 -9.58 22.69
C ASP A 168 25.42 -9.82 24.17
N THR A 169 24.13 -9.87 24.49
CA THR A 169 23.62 -10.18 25.85
C THR A 169 22.31 -10.95 25.70
N ASP A 170 21.95 -11.71 26.73
CA ASP A 170 20.64 -12.41 26.80
C ASP A 170 19.62 -11.48 27.46
N GLN A 171 20.03 -10.27 27.86
CA GLN A 171 19.13 -9.29 28.53
C GLN A 171 18.57 -8.30 27.48
N VAL A 172 17.25 -8.32 27.28
CA VAL A 172 16.58 -7.30 26.40
C VAL A 172 16.82 -5.94 27.08
N ASP A 173 17.16 -4.93 26.28
CA ASP A 173 17.37 -3.55 26.78
C ASP A 173 16.01 -2.90 27.11
N LEU A 174 15.79 -2.63 28.38
CA LEU A 174 14.52 -2.08 28.95
C LEU A 174 14.70 -0.62 29.38
N SER A 175 15.85 -0.02 29.11
CA SER A 175 16.21 1.34 29.57
C SER A 175 15.32 2.40 28.90
N SER A 176 14.67 2.06 27.78
CA SER A 176 13.76 2.93 26.99
C SER A 176 12.30 2.49 27.14
N TYR A 177 11.98 1.55 28.04
CA TYR A 177 10.60 1.04 28.18
C TYR A 177 9.71 2.17 28.70
N TYR A 178 8.55 2.34 28.09
CA TYR A 178 7.59 3.43 28.43
C TYR A 178 7.12 3.29 29.89
N ALA A 179 7.48 4.27 30.73
CA ALA A 179 7.22 4.25 32.19
C ALA A 179 5.72 4.27 32.50
N SER A 180 4.87 4.74 31.57
CA SER A 180 3.40 4.80 31.80
C SER A 180 2.65 3.84 30.89
N SER A 181 3.31 2.80 30.38
CA SER A 181 2.65 1.70 29.64
C SER A 181 1.52 1.14 30.51
N LYS A 182 0.50 0.55 29.88
CA LYS A 182 -0.53 -0.23 30.61
C LYS A 182 0.12 -1.44 31.27
N TYR A 183 1.27 -1.90 30.76
CA TYR A 183 1.97 -3.13 31.22
C TYR A 183 3.37 -2.80 31.72
N GLU A 184 3.72 -3.34 32.88
CA GLU A 184 5.09 -3.25 33.41
C GLU A 184 5.80 -4.56 33.05
N ILE A 185 7.10 -4.47 32.74
CA ILE A 185 7.95 -5.65 32.40
C ILE A 185 8.55 -6.22 33.67
N LEU A 186 8.29 -7.51 33.93
CA LEU A 186 8.91 -8.30 35.02
C LEU A 186 10.27 -8.84 34.54
N SER A 187 10.38 -9.30 33.29
CA SER A 187 11.65 -9.76 32.70
C SER A 187 11.49 -9.82 31.19
N ALA A 188 12.60 -9.67 30.48
CA ALA A 188 12.66 -9.80 29.01
C ALA A 188 14.03 -10.34 28.64
N THR A 189 14.05 -11.54 28.05
CA THR A 189 15.28 -12.24 27.62
C THR A 189 15.27 -12.46 26.11
N GLN A 190 16.46 -12.59 25.55
CA GLN A 190 16.74 -12.83 24.12
C GLN A 190 17.86 -13.87 24.04
N THR A 191 17.50 -15.09 23.65
CA THR A 191 18.36 -16.29 23.77
C THR A 191 18.53 -16.92 22.38
N ARG A 192 19.77 -17.06 21.95
CA ARG A 192 20.11 -17.83 20.73
C ARG A 192 19.66 -19.29 20.94
N GLN A 193 18.99 -19.84 19.95
CA GLN A 193 18.49 -21.25 19.95
C GLN A 193 18.90 -21.93 18.65
N VAL A 194 19.32 -23.19 18.77
CA VAL A 194 19.53 -24.11 17.62
C VAL A 194 18.29 -25.01 17.53
N GLN A 195 17.53 -24.92 16.45
CA GLN A 195 16.25 -25.65 16.28
C GLN A 195 16.40 -26.74 15.21
N HIS A 196 15.79 -27.87 15.48
CA HIS A 196 15.61 -28.95 14.48
CA HIS A 196 15.60 -28.96 14.48
C HIS A 196 14.11 -29.07 14.18
N TYR A 197 13.76 -28.95 12.91
CA TYR A 197 12.38 -29.09 12.41
C TYR A 197 12.30 -30.40 11.68
N SER A 198 11.26 -31.21 11.93
CA SER A 198 11.11 -32.56 11.33
C SER A 198 10.99 -32.51 9.80
N CYS A 199 10.69 -31.36 9.20
CA CYS A 199 10.59 -31.19 7.72
C CYS A 199 11.97 -31.28 7.07
N CYS A 200 13.05 -30.93 7.78
CA CYS A 200 14.26 -30.36 7.15
C CYS A 200 15.53 -30.89 7.81
N PRO A 201 16.54 -31.35 7.05
CA PRO A 201 17.80 -31.84 7.62
C PRO A 201 18.74 -30.78 8.22
N GLU A 202 18.62 -29.52 7.78
CA GLU A 202 19.55 -28.42 8.14
C GLU A 202 19.27 -27.99 9.58
N PRO A 203 20.24 -27.48 10.34
CA PRO A 203 19.94 -26.81 11.61
C PRO A 203 19.37 -25.42 11.32
N TYR A 204 18.50 -24.92 12.18
CA TYR A 204 17.92 -23.56 12.05
C TYR A 204 18.26 -22.79 13.34
N ILE A 205 18.58 -21.51 13.18
CA ILE A 205 19.03 -20.66 14.31
C ILE A 205 17.98 -19.56 14.48
N ASP A 206 17.60 -19.31 15.73
CA ASP A 206 16.66 -18.21 16.07
C ASP A 206 17.14 -17.53 17.35
N VAL A 207 16.62 -16.33 17.58
CA VAL A 207 16.69 -15.67 18.90
C VAL A 207 15.27 -15.65 19.48
N ASN A 208 15.12 -16.23 20.66
CA ASN A 208 13.81 -16.40 21.32
C ASN A 208 13.66 -15.22 22.30
N LEU A 209 12.67 -14.37 22.05
CA LEU A 209 12.31 -13.23 22.92
C LEU A 209 11.23 -13.71 23.88
N VAL A 210 11.54 -13.76 25.18
CA VAL A 210 10.57 -14.18 26.25
C VAL A 210 10.29 -12.96 27.12
N VAL A 211 9.04 -12.53 27.20
CA VAL A 211 8.64 -11.33 27.96
C VAL A 211 7.65 -11.78 29.02
N LYS A 212 7.93 -11.41 30.27
CA LYS A 212 7.03 -11.61 31.43
C LYS A 212 6.53 -10.23 31.81
N PHE A 213 5.22 -10.05 31.85
CA PHE A 213 4.61 -8.70 32.02
C PHE A 213 3.31 -8.82 32.81
N ARG A 214 2.86 -7.70 33.36
CA ARG A 214 1.60 -7.64 34.11
C ARG A 214 1.03 -6.23 34.02
N GLU A 215 -0.27 -6.10 34.26
CA GLU A 215 -0.95 -4.78 34.26
C GLU A 215 -0.32 -3.97 35.40
N ARG A 216 -0.02 -2.69 35.20
N ARG A 216 -0.09 -2.68 35.16
CA ARG A 216 0.61 -1.81 36.22
CA ARG A 216 0.58 -1.70 36.07
C ARG A 216 -0.32 -1.67 37.43
C ARG A 216 -0.18 -1.60 37.40
N ASP B 5 39.83 -16.47 1.88
CA ASP B 5 39.38 -15.11 1.40
C ASP B 5 39.23 -15.14 -0.13
N ASP B 6 40.24 -15.64 -0.84
CA ASP B 6 40.25 -15.83 -2.31
C ASP B 6 39.13 -16.80 -2.71
N ASP B 7 39.01 -17.92 -1.99
CA ASP B 7 37.96 -18.94 -2.16
C ASP B 7 36.57 -18.28 -2.02
N LYS B 8 36.33 -17.55 -0.92
CA LYS B 8 35.06 -16.82 -0.66
C LYS B 8 34.76 -15.89 -1.85
N LEU B 9 35.77 -15.16 -2.35
CA LEU B 9 35.61 -14.22 -3.50
C LEU B 9 35.23 -15.00 -4.76
N HIS B 10 35.83 -16.19 -4.97
CA HIS B 10 35.51 -17.11 -6.10
C HIS B 10 34.06 -17.64 -6.00
N SER B 11 33.63 -18.05 -4.81
CA SER B 11 32.27 -18.63 -4.59
C SER B 11 31.19 -17.59 -4.91
N GLN B 12 31.41 -16.33 -4.51
CA GLN B 12 30.47 -15.19 -4.77
C GLN B 12 30.39 -14.92 -6.28
N ALA B 13 31.54 -14.90 -6.98
CA ALA B 13 31.58 -14.63 -8.44
C ALA B 13 30.79 -15.71 -9.17
N ASN B 14 30.93 -16.95 -8.75
CA ASN B 14 30.23 -18.12 -9.34
C ASN B 14 28.71 -17.96 -9.16
N LEU B 15 28.27 -17.58 -7.97
CA LEU B 15 26.82 -17.41 -7.68
C LEU B 15 26.29 -16.25 -8.54
N MET B 16 27.01 -15.13 -8.57
CA MET B 16 26.61 -13.95 -9.37
C MET B 16 26.61 -14.32 -10.86
N ARG B 17 27.54 -15.18 -11.30
CA ARG B 17 27.63 -15.66 -12.71
C ARG B 17 26.45 -16.59 -13.01
N LEU B 18 26.21 -17.58 -12.15
CA LEU B 18 25.04 -18.50 -12.28
C LEU B 18 23.76 -17.66 -12.44
N LYS B 19 23.47 -16.77 -11.49
CA LYS B 19 22.21 -15.97 -11.46
C LYS B 19 22.07 -15.19 -12.77
N SER B 20 23.14 -14.54 -13.20
CA SER B 20 23.21 -13.74 -14.46
C SER B 20 22.93 -14.63 -15.68
N ASP B 21 23.53 -15.81 -15.79
CA ASP B 21 23.25 -16.74 -16.92
C ASP B 21 21.78 -17.17 -16.91
N LEU B 22 21.23 -17.49 -15.73
CA LEU B 22 19.84 -18.01 -15.57
C LEU B 22 18.81 -16.94 -15.93
N PHE B 23 18.99 -15.69 -15.45
CA PHE B 23 17.98 -14.60 -15.55
C PHE B 23 18.33 -13.64 -16.69
N ASN B 24 19.54 -13.07 -16.69
CA ASN B 24 19.95 -11.99 -17.62
C ASN B 24 20.09 -12.54 -19.05
N ARG B 25 20.61 -13.76 -19.22
CA ARG B 25 20.92 -14.36 -20.55
C ARG B 25 19.77 -15.24 -21.05
N SER B 26 18.63 -15.26 -20.35
CA SER B 26 17.45 -16.07 -20.73
C SER B 26 16.21 -15.19 -20.82
N PRO B 27 15.39 -15.30 -21.90
CA PRO B 27 14.12 -14.59 -21.99
C PRO B 27 13.14 -15.08 -20.90
N MET B 28 12.36 -14.16 -20.31
CA MET B 28 11.50 -14.44 -19.12
C MET B 28 10.55 -15.62 -19.42
N TYR B 29 10.42 -16.55 -18.47
CA TYR B 29 9.53 -17.75 -18.58
C TYR B 29 8.09 -17.26 -18.72
N PRO B 30 7.35 -17.69 -19.76
CA PRO B 30 6.00 -17.18 -20.03
C PRO B 30 4.87 -17.88 -19.25
N GLY B 31 5.21 -18.81 -18.35
CA GLY B 31 4.20 -19.59 -17.64
C GLY B 31 3.94 -20.90 -18.35
N PRO B 32 3.17 -21.81 -17.72
CA PRO B 32 2.94 -23.13 -18.28
C PRO B 32 1.99 -23.02 -19.49
N THR B 33 1.97 -24.07 -20.31
CA THR B 33 1.06 -24.23 -21.47
C THR B 33 0.53 -25.66 -21.47
N LYS B 34 -0.50 -25.90 -22.30
CA LYS B 34 -1.08 -27.24 -22.55
C LYS B 34 0.03 -28.18 -23.05
N ASP B 35 1.01 -27.68 -23.83
CA ASP B 35 2.12 -28.52 -24.38
C ASP B 35 3.22 -28.69 -23.33
N ASP B 36 3.32 -27.77 -22.37
CA ASP B 36 4.39 -27.78 -21.33
C ASP B 36 3.74 -27.50 -19.98
N PRO B 37 2.93 -28.44 -19.44
CA PRO B 37 2.16 -28.20 -18.22
C PRO B 37 3.07 -28.29 -16.99
N LEU B 38 2.63 -27.67 -15.90
CA LEU B 38 3.45 -27.64 -14.68
C LEU B 38 2.67 -28.27 -13.52
N THR B 39 3.33 -29.09 -12.71
CA THR B 39 2.74 -29.57 -11.45
C THR B 39 3.25 -28.71 -10.28
N VAL B 40 2.34 -28.13 -9.52
CA VAL B 40 2.66 -27.36 -8.30
C VAL B 40 2.25 -28.20 -7.10
N THR B 41 3.19 -28.47 -6.19
CA THR B 41 2.91 -29.21 -4.95
C THR B 41 2.57 -28.20 -3.86
N LEU B 42 1.42 -28.34 -3.20
CA LEU B 42 1.01 -27.45 -2.09
C LEU B 42 0.95 -28.22 -0.78
N GLY B 43 1.37 -27.56 0.30
CA GLY B 43 1.16 -28.06 1.67
C GLY B 43 0.96 -26.89 2.61
N PHE B 44 0.02 -27.04 3.52
CA PHE B 44 -0.30 -26.02 4.55
C PHE B 44 0.25 -26.43 5.91
N THR B 45 0.82 -25.47 6.61
CA THR B 45 1.20 -25.58 8.03
C THR B 45 0.32 -24.57 8.76
N LEU B 46 -0.65 -25.05 9.53
CA LEU B 46 -1.62 -24.15 10.20
C LEU B 46 -1.02 -23.70 11.54
N GLN B 47 -0.85 -22.39 11.71
CA GLN B 47 -0.19 -21.83 12.91
C GLN B 47 -1.24 -21.41 13.94
N ASP B 48 -2.35 -20.82 13.50
CA ASP B 48 -3.33 -20.27 14.46
C ASP B 48 -4.64 -19.95 13.75
N ILE B 49 -5.74 -20.23 14.44
CA ILE B 49 -7.04 -19.59 14.15
C ILE B 49 -7.11 -18.39 15.07
N VAL B 50 -6.90 -17.21 14.52
CA VAL B 50 -6.76 -15.97 15.31
C VAL B 50 -8.14 -15.48 15.75
N LYS B 51 -9.11 -15.48 14.83
CA LYS B 51 -10.42 -14.82 15.02
C LYS B 51 -11.51 -15.65 14.34
N ALA B 52 -12.66 -15.80 14.99
CA ALA B 52 -13.86 -16.39 14.36
C ALA B 52 -15.00 -15.40 14.58
N ASP B 53 -15.44 -14.70 13.53
CA ASP B 53 -16.43 -13.61 13.68
C ASP B 53 -17.82 -14.15 13.31
N SER B 54 -18.67 -14.40 14.30
CA SER B 54 -20.05 -14.92 14.10
C SER B 54 -20.97 -13.81 13.53
N SER B 55 -20.59 -12.54 13.59
CA SER B 55 -21.42 -11.41 13.08
C SER B 55 -21.30 -11.28 11.55
N THR B 56 -20.16 -11.70 10.99
CA THR B 56 -19.90 -11.60 9.52
C THR B 56 -19.66 -13.00 8.90
N ASN B 57 -19.53 -14.06 9.71
CA ASN B 57 -19.11 -15.40 9.23
C ASN B 57 -17.81 -15.26 8.42
N GLU B 58 -16.82 -14.68 9.08
CA GLU B 58 -15.41 -14.62 8.61
C GLU B 58 -14.54 -15.25 9.70
N VAL B 59 -13.61 -16.09 9.28
CA VAL B 59 -12.57 -16.68 10.16
C VAL B 59 -11.20 -16.28 9.63
N ASP B 60 -10.28 -15.97 10.55
CA ASP B 60 -8.92 -15.52 10.20
C ASP B 60 -7.92 -16.62 10.57
N LEU B 61 -7.14 -17.06 9.59
CA LEU B 61 -6.12 -18.12 9.76
C LEU B 61 -4.74 -17.53 9.56
N VAL B 62 -3.78 -18.02 10.34
CA VAL B 62 -2.35 -17.78 10.05
C VAL B 62 -1.74 -19.12 9.72
N TYR B 63 -1.11 -19.21 8.57
CA TYR B 63 -0.49 -20.46 8.07
C TYR B 63 0.70 -20.15 7.18
N TYR B 64 1.50 -21.17 6.97
CA TYR B 64 2.65 -21.20 6.02
C TYR B 64 2.18 -22.04 4.84
N GLU B 65 2.26 -21.53 3.63
CA GLU B 65 1.83 -22.29 2.44
C GLU B 65 3.06 -22.68 1.65
N GLN B 66 3.43 -23.96 1.66
CA GLN B 66 4.63 -24.40 0.91
C GLN B 66 4.20 -24.67 -0.55
N GLN B 67 4.95 -24.11 -1.49
CA GLN B 67 4.74 -24.29 -2.94
C GLN B 67 6.04 -24.83 -3.54
N ARG B 68 5.94 -25.89 -4.32
CA ARG B 68 7.11 -26.45 -5.05
C ARG B 68 6.74 -26.71 -6.51
N TRP B 69 7.67 -26.39 -7.40
CA TRP B 69 7.52 -26.69 -8.84
C TRP B 69 8.91 -26.82 -9.42
N LYS B 70 8.99 -27.25 -10.68
CA LYS B 70 10.28 -27.49 -11.36
C LYS B 70 10.19 -26.97 -12.80
N LEU B 71 11.18 -26.18 -13.23
CA LEU B 71 11.32 -25.66 -14.62
C LEU B 71 12.67 -26.13 -15.15
N ASN B 72 12.68 -26.68 -16.38
CA ASN B 72 13.93 -27.03 -17.10
C ASN B 72 14.80 -25.78 -17.24
N SER B 73 14.19 -24.62 -17.45
CA SER B 73 14.91 -23.33 -17.65
C SER B 73 15.66 -22.89 -16.37
N LEU B 74 15.43 -23.50 -15.20
CA LEU B 74 16.19 -23.13 -13.97
C LEU B 74 17.24 -24.20 -13.64
N MET B 75 17.45 -25.19 -14.53
CA MET B 75 18.42 -26.29 -14.32
C MET B 75 19.85 -25.80 -14.63
N TRP B 76 20.82 -26.24 -13.83
CA TRP B 76 22.25 -26.04 -14.15
C TRP B 76 23.06 -27.24 -13.62
N ASP B 77 24.23 -27.43 -14.21
CA ASP B 77 25.25 -28.39 -13.74
C ASP B 77 26.10 -27.70 -12.68
N PRO B 78 26.06 -28.15 -11.41
CA PRO B 78 26.87 -27.53 -10.35
C PRO B 78 28.37 -27.43 -10.70
N ASN B 79 28.92 -28.45 -11.39
CA ASN B 79 30.34 -28.51 -11.81
C ASN B 79 30.71 -27.28 -12.66
N GLU B 80 29.76 -26.70 -13.38
CA GLU B 80 29.98 -25.50 -14.25
C GLU B 80 30.01 -24.21 -13.42
N TYR B 81 29.59 -24.23 -12.14
CA TYR B 81 29.43 -23.02 -11.28
C TYR B 81 29.92 -23.30 -9.85
N GLY B 82 31.14 -23.80 -9.71
CA GLY B 82 31.84 -23.93 -8.41
C GLY B 82 31.09 -24.83 -7.45
N ASN B 83 30.39 -25.83 -7.99
CA ASN B 83 29.64 -26.87 -7.22
C ASN B 83 28.51 -26.21 -6.42
N ILE B 84 28.00 -25.06 -6.89
CA ILE B 84 26.76 -24.45 -6.31
C ILE B 84 25.58 -25.36 -6.64
N THR B 85 24.88 -25.85 -5.61
CA THR B 85 23.75 -26.79 -5.72
C THR B 85 22.42 -26.02 -5.60
N ASP B 86 22.39 -24.84 -4.98
CA ASP B 86 21.14 -24.07 -4.84
C ASP B 86 21.46 -22.62 -4.45
N PHE B 87 20.45 -21.76 -4.53
CA PHE B 87 20.59 -20.35 -4.12
C PHE B 87 19.23 -19.79 -3.70
N ARG B 88 19.28 -18.74 -2.89
CA ARG B 88 18.08 -17.95 -2.49
C ARG B 88 17.93 -16.82 -3.51
N THR B 89 16.70 -16.50 -3.89
CA THR B 89 16.46 -15.37 -4.82
C THR B 89 15.15 -14.72 -4.46
N SER B 90 15.06 -13.41 -4.67
CA SER B 90 13.78 -12.68 -4.57
C SER B 90 12.73 -13.38 -5.44
N ALA B 91 11.52 -13.56 -4.90
CA ALA B 91 10.35 -14.11 -5.61
C ALA B 91 10.01 -13.26 -6.86
N ALA B 92 10.41 -11.98 -6.91
CA ALA B 92 10.21 -11.12 -8.10
C ALA B 92 11.15 -11.51 -9.26
N ASP B 93 12.24 -12.23 -9.01
CA ASP B 93 13.28 -12.55 -10.03
C ASP B 93 12.86 -13.78 -10.83
N ILE B 94 11.82 -14.49 -10.37
CA ILE B 94 11.37 -15.77 -10.99
C ILE B 94 9.86 -15.73 -11.21
N TRP B 95 9.41 -16.61 -12.08
CA TRP B 95 7.97 -16.91 -12.22
C TRP B 95 7.50 -17.61 -10.93
N THR B 96 6.33 -17.23 -10.42
CA THR B 96 5.67 -17.97 -9.31
C THR B 96 4.21 -18.24 -9.67
N PRO B 97 3.63 -19.35 -9.20
CA PRO B 97 2.25 -19.68 -9.55
C PRO B 97 1.25 -18.78 -8.83
N ASP B 98 0.13 -18.51 -9.51
CA ASP B 98 -0.96 -17.60 -9.05
C ASP B 98 -1.94 -18.37 -8.15
N ILE B 99 -1.42 -19.09 -7.15
CA ILE B 99 -2.24 -19.90 -6.20
C ILE B 99 -3.01 -18.93 -5.32
N THR B 100 -4.33 -19.06 -5.34
CA THR B 100 -5.26 -18.07 -4.76
C THR B 100 -6.27 -18.80 -3.89
N ALA B 101 -6.67 -18.22 -2.76
CA ALA B 101 -7.86 -18.74 -2.02
C ALA B 101 -9.11 -18.32 -2.79
N TYR B 102 -10.10 -19.20 -2.91
CA TYR B 102 -11.28 -18.95 -3.74
C TYR B 102 -12.41 -18.28 -2.95
N SER B 103 -12.31 -18.17 -1.63
CA SER B 103 -13.42 -17.62 -0.81
C SER B 103 -12.83 -16.71 0.27
N SER B 104 -11.71 -16.03 -0.03
CA SER B 104 -11.19 -14.95 0.85
C SER B 104 -12.20 -13.79 0.88
N THR B 105 -12.18 -13.00 1.96
CA THR B 105 -13.06 -11.82 2.12
C THR B 105 -12.21 -10.55 2.21
N ARG B 106 -10.90 -10.70 2.26
CA ARG B 106 -9.92 -9.60 2.39
CA ARG B 106 -9.92 -9.60 2.39
C ARG B 106 -8.65 -10.02 1.67
N PRO B 107 -7.85 -9.06 1.21
CA PRO B 107 -6.57 -9.42 0.60
C PRO B 107 -5.74 -10.19 1.64
N VAL B 108 -5.08 -11.23 1.20
CA VAL B 108 -4.15 -11.97 2.08
C VAL B 108 -3.07 -11.00 2.57
N GLN B 109 -2.67 -11.15 3.83
CA GLN B 109 -1.57 -10.34 4.40
C GLN B 109 -0.32 -11.22 4.46
N VAL B 110 0.77 -10.78 3.84
CA VAL B 110 2.01 -11.58 3.75
C VAL B 110 2.83 -11.31 5.01
N LEU B 111 3.29 -12.37 5.67
CA LEU B 111 3.92 -12.25 7.00
C LEU B 111 5.40 -12.60 6.91
N SER B 112 5.87 -13.06 5.75
CA SER B 112 7.28 -13.50 5.56
C SER B 112 7.91 -12.84 4.35
N PRO B 113 9.27 -12.84 4.27
CA PRO B 113 9.99 -12.37 3.10
C PRO B 113 9.63 -13.10 1.79
N GLN B 114 9.52 -12.36 0.70
CA GLN B 114 9.14 -12.95 -0.62
C GLN B 114 10.44 -13.41 -1.29
N ILE B 115 11.00 -14.50 -0.77
CA ILE B 115 12.31 -15.05 -1.22
C ILE B 115 12.09 -16.55 -1.40
N ALA B 116 12.64 -17.14 -2.46
CA ALA B 116 12.46 -18.58 -2.77
C ALA B 116 13.83 -19.25 -2.82
N VAL B 117 13.85 -20.56 -2.79
CA VAL B 117 15.09 -21.38 -2.96
C VAL B 117 14.97 -22.13 -4.27
N VAL B 118 16.00 -21.98 -5.11
CA VAL B 118 16.13 -22.68 -6.42
C VAL B 118 17.26 -23.69 -6.32
N THR B 119 17.00 -24.93 -6.72
CA THR B 119 17.98 -26.05 -6.71
C THR B 119 18.39 -26.33 -8.17
N HIS B 120 19.57 -26.94 -8.37
CA HIS B 120 20.19 -27.18 -9.70
C HIS B 120 19.32 -28.09 -10.57
N ASP B 121 18.40 -28.87 -9.99
CA ASP B 121 17.47 -29.74 -10.78
C ASP B 121 16.33 -28.89 -11.37
N GLY B 122 16.35 -27.57 -11.16
CA GLY B 122 15.32 -26.63 -11.64
C GLY B 122 14.15 -26.53 -10.65
N SER B 123 14.21 -27.22 -9.52
CA SER B 123 13.11 -27.19 -8.51
C SER B 123 13.17 -25.87 -7.72
N VAL B 124 11.99 -25.34 -7.39
CA VAL B 124 11.82 -24.09 -6.62
C VAL B 124 10.98 -24.42 -5.39
N MET B 125 11.34 -23.85 -4.26
CA MET B 125 10.52 -23.96 -3.05
C MET B 125 10.27 -22.55 -2.55
N PHE B 126 9.03 -22.26 -2.25
CA PHE B 126 8.56 -20.93 -1.85
C PHE B 126 7.57 -21.18 -0.71
N ILE B 127 7.76 -20.55 0.44
CA ILE B 127 6.91 -20.82 1.64
C ILE B 127 6.40 -19.51 2.23
N PRO B 128 5.45 -18.83 1.55
CA PRO B 128 4.88 -17.62 2.13
C PRO B 128 4.01 -17.93 3.36
N ALA B 129 4.28 -17.19 4.42
CA ALA B 129 3.41 -17.11 5.61
C ALA B 129 2.37 -16.01 5.37
N GLN B 130 1.12 -16.31 5.73
CA GLN B 130 -0.05 -15.52 5.36
C GLN B 130 -1.04 -15.47 6.53
N ARG B 131 -1.72 -14.34 6.63
CA ARG B 131 -3.00 -14.22 7.37
C ARG B 131 -4.12 -14.07 6.34
N LEU B 132 -5.10 -14.95 6.44
CA LEU B 132 -6.24 -15.02 5.48
C LEU B 132 -7.52 -14.87 6.29
N SER B 133 -8.42 -13.99 5.83
CA SER B 133 -9.83 -13.98 6.29
C SER B 133 -10.62 -14.71 5.19
N PHE B 134 -11.47 -15.65 5.56
CA PHE B 134 -12.28 -16.37 4.54
C PHE B 134 -13.67 -16.66 5.10
N MET B 135 -14.56 -17.05 4.18
CA MET B 135 -15.99 -17.28 4.46
C MET B 135 -16.15 -18.54 5.30
N CYS B 136 -16.63 -18.37 6.52
CA CYS B 136 -16.74 -19.46 7.49
C CYS B 136 -17.80 -19.10 8.53
N ASP B 137 -18.79 -19.97 8.66
CA ASP B 137 -19.80 -19.90 9.74
C ASP B 137 -19.23 -20.67 10.92
N PRO B 138 -18.85 -20.00 12.02
CA PRO B 138 -18.28 -20.68 13.18
C PRO B 138 -19.34 -21.23 14.14
N THR B 139 -20.60 -21.32 13.73
CA THR B 139 -21.69 -21.90 14.55
C THR B 139 -21.25 -23.29 15.03
N GLY B 140 -21.34 -23.52 16.35
CA GLY B 140 -21.01 -24.82 16.96
C GLY B 140 -19.58 -24.85 17.46
N VAL B 141 -18.84 -23.75 17.32
CA VAL B 141 -17.42 -23.69 17.79
C VAL B 141 -17.41 -23.85 19.33
N ASP B 142 -18.49 -23.45 20.01
CA ASP B 142 -18.62 -23.53 21.49
C ASP B 142 -19.32 -24.83 21.92
N SER B 143 -19.26 -25.90 21.11
CA SER B 143 -19.83 -27.24 21.39
C SER B 143 -18.74 -28.32 21.27
N GLU B 144 -19.02 -29.54 21.73
CA GLU B 144 -18.07 -30.68 21.68
C GLU B 144 -17.68 -30.97 20.23
N GLU B 145 -18.65 -30.92 19.31
CA GLU B 145 -18.48 -31.26 17.87
C GLU B 145 -17.64 -30.18 17.18
N GLY B 146 -17.76 -28.94 17.64
CA GLY B 146 -17.05 -27.78 17.08
C GLY B 146 -17.62 -27.32 15.76
N ALA B 147 -16.92 -26.38 15.13
CA ALA B 147 -17.32 -25.82 13.82
C ALA B 147 -16.48 -26.48 12.74
N THR B 148 -16.98 -26.50 11.51
CA THR B 148 -16.24 -27.00 10.34
C THR B 148 -16.28 -25.93 9.26
N CYS B 149 -15.12 -25.57 8.72
CA CYS B 149 -15.05 -24.65 7.58
C CYS B 149 -14.07 -25.18 6.55
N ALA B 150 -14.17 -24.62 5.35
CA ALA B 150 -13.40 -25.09 4.18
C ALA B 150 -13.05 -23.91 3.30
N VAL B 151 -11.87 -23.96 2.71
CA VAL B 151 -11.42 -22.97 1.71
C VAL B 151 -10.60 -23.71 0.65
N LYS B 152 -10.92 -23.47 -0.62
CA LYS B 152 -10.23 -24.04 -1.80
C LYS B 152 -9.12 -23.08 -2.23
N PHE B 153 -8.00 -23.65 -2.64
CA PHE B 153 -6.83 -22.96 -3.20
C PHE B 153 -6.52 -23.55 -4.57
N GLY B 154 -6.22 -22.68 -5.52
CA GLY B 154 -5.83 -23.10 -6.88
C GLY B 154 -5.43 -21.92 -7.70
N SER B 155 -4.98 -22.19 -8.92
CA SER B 155 -4.66 -21.12 -9.90
C SER B 155 -5.92 -20.30 -10.16
N TRP B 156 -5.78 -18.99 -10.29
CA TRP B 156 -6.94 -18.16 -10.65
C TRP B 156 -7.19 -18.25 -12.17
N VAL B 157 -6.14 -18.39 -12.97
CA VAL B 157 -6.25 -18.19 -14.45
C VAL B 157 -5.89 -19.46 -15.22
N TYR B 158 -5.21 -20.45 -14.63
CA TYR B 158 -4.76 -21.66 -15.38
C TYR B 158 -5.67 -22.84 -15.06
N SER B 159 -6.09 -23.59 -16.09
CA SER B 159 -6.88 -24.83 -15.92
C SER B 159 -5.95 -26.00 -15.59
N GLY B 160 -6.54 -27.17 -15.30
CA GLY B 160 -5.81 -28.44 -15.09
C GLY B 160 -4.93 -28.83 -16.27
N PHE B 161 -5.14 -28.26 -17.46
CA PHE B 161 -4.34 -28.54 -18.68
C PHE B 161 -3.00 -27.79 -18.64
N GLU B 162 -2.88 -26.73 -17.85
CA GLU B 162 -1.62 -25.93 -17.73
C GLU B 162 -0.99 -26.13 -16.35
N ILE B 163 -1.78 -26.12 -15.28
CA ILE B 163 -1.26 -26.25 -13.89
C ILE B 163 -2.02 -27.39 -13.22
N ASP B 164 -1.29 -28.43 -12.89
CA ASP B 164 -1.80 -29.52 -12.02
C ASP B 164 -1.33 -29.22 -10.60
N LEU B 165 -2.16 -29.59 -9.64
CA LEU B 165 -1.83 -29.45 -8.20
C LEU B 165 -1.67 -30.85 -7.64
N LYS B 166 -0.79 -30.97 -6.66
CA LYS B 166 -0.66 -32.21 -5.89
C LYS B 166 -0.36 -31.80 -4.45
N THR B 167 -0.63 -32.71 -3.53
CA THR B 167 -0.19 -32.62 -2.12
C THR B 167 0.74 -33.80 -1.89
N ASP B 168 1.71 -33.65 -0.99
CA ASP B 168 2.54 -34.80 -0.50
C ASP B 168 1.73 -35.60 0.52
N THR B 169 0.81 -34.95 1.21
CA THR B 169 -0.03 -35.59 2.24
C THR B 169 -1.37 -34.87 2.30
N ASP B 170 -2.41 -35.58 2.69
CA ASP B 170 -3.76 -35.00 2.89
C ASP B 170 -3.87 -34.44 4.32
N GLN B 171 -2.84 -34.60 5.18
CA GLN B 171 -2.87 -34.07 6.57
C GLN B 171 -2.18 -32.70 6.61
N VAL B 172 -2.93 -31.68 7.00
CA VAL B 172 -2.34 -30.35 7.28
C VAL B 172 -1.32 -30.54 8.40
N ASP B 173 -0.15 -29.92 8.26
CA ASP B 173 0.89 -29.95 9.32
C ASP B 173 0.41 -29.09 10.49
N LEU B 174 0.19 -29.72 11.65
CA LEU B 174 -0.27 -29.02 12.88
C LEU B 174 0.86 -28.96 13.91
N SER B 175 2.07 -29.36 13.55
CA SER B 175 3.20 -29.47 14.50
C SER B 175 3.63 -28.06 14.96
N SER B 176 3.25 -26.98 14.25
CA SER B 176 3.53 -25.57 14.63
C SER B 176 2.27 -24.87 15.13
N TYR B 177 1.16 -25.57 15.35
CA TYR B 177 -0.11 -24.93 15.77
C TYR B 177 0.08 -24.36 17.19
N TYR B 178 -0.33 -23.12 17.41
CA TYR B 178 -0.12 -22.39 18.68
C TYR B 178 -0.90 -23.06 19.81
N ALA B 179 -0.17 -23.56 20.80
CA ALA B 179 -0.71 -24.41 21.88
C ALA B 179 -1.72 -23.59 22.70
N SER B 180 -1.62 -22.26 22.71
CA SER B 180 -2.51 -21.43 23.57
C SER B 180 -3.47 -20.61 22.72
N SER B 181 -3.75 -21.04 21.49
CA SER B 181 -4.80 -20.44 20.62
C SER B 181 -6.13 -20.43 21.37
N LYS B 182 -7.01 -19.48 21.04
CA LYS B 182 -8.42 -19.51 21.52
C LYS B 182 -9.11 -20.79 21.02
N TYR B 183 -8.67 -21.36 19.89
CA TYR B 183 -9.32 -22.52 19.23
C TYR B 183 -8.35 -23.69 19.15
N GLU B 184 -8.84 -24.88 19.50
CA GLU B 184 -8.10 -26.15 19.30
C GLU B 184 -8.58 -26.78 18.00
N ILE B 185 -7.70 -27.51 17.32
CA ILE B 185 -7.96 -28.15 16.02
C ILE B 185 -8.38 -29.59 16.27
N LEU B 186 -9.60 -29.93 15.85
CA LEU B 186 -10.12 -31.32 15.88
C LEU B 186 -9.58 -32.09 14.66
N SER B 187 -9.54 -31.47 13.48
CA SER B 187 -8.87 -32.08 12.30
C SER B 187 -8.55 -30.99 11.28
N ALA B 188 -7.57 -31.24 10.42
CA ALA B 188 -7.30 -30.32 9.30
C ALA B 188 -6.72 -31.13 8.15
N THR B 189 -7.42 -31.12 7.04
CA THR B 189 -7.04 -31.89 5.82
C THR B 189 -6.88 -30.95 4.63
N GLN B 190 -6.10 -31.39 3.66
CA GLN B 190 -5.80 -30.66 2.39
C GLN B 190 -5.90 -31.69 1.27
N THR B 191 -6.93 -31.59 0.44
CA THR B 191 -7.33 -32.68 -0.49
C THR B 191 -7.43 -32.10 -1.90
N ARG B 192 -6.67 -32.67 -2.82
CA ARG B 192 -6.77 -32.34 -4.26
C ARG B 192 -8.18 -32.69 -4.74
N GLN B 193 -8.82 -31.77 -5.47
CA GLN B 193 -10.15 -31.94 -6.07
C GLN B 193 -10.06 -31.59 -7.57
N VAL B 194 -10.76 -32.35 -8.39
CA VAL B 194 -10.92 -32.06 -9.85
C VAL B 194 -12.37 -31.60 -10.02
N GLN B 195 -12.55 -30.42 -10.62
N GLN B 195 -12.55 -30.37 -10.49
CA GLN B 195 -13.86 -29.78 -10.84
CA GLN B 195 -13.88 -29.76 -10.65
C GLN B 195 -14.03 -29.48 -12.33
C GLN B 195 -14.08 -29.47 -12.14
N HIS B 196 -15.26 -29.64 -12.82
N HIS B 196 -15.29 -29.71 -12.60
CA HIS B 196 -15.69 -29.19 -14.18
CA HIS B 196 -15.69 -29.44 -14.01
C HIS B 196 -16.73 -28.08 -14.01
C HIS B 196 -16.77 -28.35 -14.01
N TYR B 197 -16.65 -27.03 -14.84
N TYR B 197 -16.79 -27.57 -15.08
CA TYR B 197 -17.58 -25.86 -14.83
CA TYR B 197 -17.90 -26.65 -15.42
C TYR B 197 -18.28 -25.73 -16.18
C TYR B 197 -18.52 -27.18 -16.72
N SER B 198 -19.60 -25.51 -16.17
N SER B 198 -19.84 -27.35 -16.74
CA SER B 198 -20.47 -25.42 -17.37
CA SER B 198 -20.61 -27.97 -17.83
C SER B 198 -19.94 -24.34 -18.32
C SER B 198 -20.26 -27.31 -19.17
N CYS B 199 -19.30 -23.31 -17.78
N CYS B 199 -20.09 -25.99 -19.17
CA CYS B 199 -18.68 -22.18 -18.54
CA CYS B 199 -19.81 -25.16 -20.36
C CYS B 199 -17.64 -22.63 -19.56
C CYS B 199 -18.60 -25.72 -21.11
N CYS B 200 -16.87 -23.68 -19.24
N CYS B 200 -17.52 -25.92 -20.36
CA CYS B 200 -15.50 -23.89 -19.79
CA CYS B 200 -16.13 -25.90 -20.87
C CYS B 200 -15.24 -25.39 -20.02
C CYS B 200 -15.57 -27.31 -20.74
N PRO B 201 -14.56 -25.78 -21.11
N PRO B 201 -14.83 -27.78 -21.78
CA PRO B 201 -14.34 -27.20 -21.42
CA PRO B 201 -14.30 -29.14 -21.80
C PRO B 201 -13.37 -28.03 -20.55
C PRO B 201 -13.25 -29.43 -20.71
N GLU B 202 -12.31 -27.41 -19.99
N GLU B 202 -12.49 -28.41 -20.28
CA GLU B 202 -11.15 -28.15 -19.39
CA GLU B 202 -11.24 -28.64 -19.52
C GLU B 202 -11.40 -28.50 -17.91
C GLU B 202 -11.51 -28.66 -18.01
N PRO B 203 -10.75 -29.52 -17.30
CA PRO B 203 -10.86 -29.72 -15.85
C PRO B 203 -10.12 -28.63 -15.06
N TYR B 204 -10.58 -28.31 -13.86
CA TYR B 204 -9.96 -27.32 -12.95
C TYR B 204 -9.56 -28.05 -11.66
N ILE B 205 -8.43 -27.66 -11.08
CA ILE B 205 -7.84 -28.37 -9.93
C ILE B 205 -7.80 -27.41 -8.76
N ASP B 206 -8.14 -27.88 -7.57
CA ASP B 206 -7.96 -27.09 -6.34
C ASP B 206 -7.51 -28.02 -5.22
N VAL B 207 -6.98 -27.45 -4.14
CA VAL B 207 -6.73 -28.16 -2.87
C VAL B 207 -7.69 -27.55 -1.87
N ASN B 208 -8.56 -28.41 -1.33
CA ASN B 208 -9.60 -28.03 -0.35
C ASN B 208 -9.00 -28.19 1.05
N LEU B 209 -8.83 -27.07 1.75
CA LEU B 209 -8.41 -27.05 3.17
C LEU B 209 -9.67 -27.13 4.04
N VAL B 210 -9.86 -28.22 4.79
CA VAL B 210 -11.06 -28.37 5.68
C VAL B 210 -10.54 -28.41 7.11
N VAL B 211 -11.04 -27.50 7.95
CA VAL B 211 -10.61 -27.38 9.36
C VAL B 211 -11.82 -27.53 10.27
N LYS B 212 -11.72 -28.45 11.22
CA LYS B 212 -12.73 -28.65 12.29
C LYS B 212 -12.07 -28.15 13.56
N PHE B 213 -12.74 -27.24 14.27
CA PHE B 213 -12.13 -26.54 15.43
C PHE B 213 -13.24 -26.22 16.43
N ARG B 214 -12.82 -25.99 17.67
CA ARG B 214 -13.72 -25.60 18.77
C ARG B 214 -12.95 -24.71 19.75
N GLU B 215 -13.68 -23.96 20.55
CA GLU B 215 -13.12 -23.10 21.62
C GLU B 215 -12.33 -23.98 22.58
N ARG B 216 -11.09 -23.59 22.90
CA ARG B 216 -10.22 -24.28 23.90
C ARG B 216 -10.93 -24.15 25.26
N ARG B 217 -10.97 -25.21 26.07
CA ARG B 217 -11.75 -25.27 27.35
C ARG B 217 -10.79 -25.46 28.55
N ASP C 7 9.54 -31.29 -27.70
CA ASP C 7 8.84 -30.12 -28.32
C ASP C 7 8.38 -29.10 -27.28
N LYS C 8 8.59 -29.37 -25.97
CA LYS C 8 8.24 -28.46 -24.85
C LYS C 8 9.10 -27.18 -24.93
N LEU C 9 10.38 -27.31 -25.28
CA LEU C 9 11.29 -26.17 -25.54
C LEU C 9 10.75 -25.31 -26.69
N HIS C 10 10.24 -25.95 -27.76
CA HIS C 10 9.61 -25.29 -28.94
C HIS C 10 8.32 -24.56 -28.54
N SER C 11 7.45 -25.21 -27.76
CA SER C 11 6.20 -24.64 -27.21
C SER C 11 6.53 -23.36 -26.44
N GLN C 12 7.51 -23.41 -25.52
CA GLN C 12 7.91 -22.21 -24.73
C GLN C 12 8.42 -21.13 -25.69
N ALA C 13 9.27 -21.51 -26.66
CA ALA C 13 9.87 -20.56 -27.63
C ALA C 13 8.74 -19.87 -28.43
N ASN C 14 7.74 -20.64 -28.87
CA ASN C 14 6.59 -20.13 -29.67
C ASN C 14 5.81 -19.10 -28.84
N LEU C 15 5.58 -19.36 -27.55
CA LEU C 15 4.81 -18.43 -26.69
C LEU C 15 5.66 -17.18 -26.42
N MET C 16 6.97 -17.31 -26.17
CA MET C 16 7.86 -16.14 -25.93
C MET C 16 7.92 -15.29 -27.20
N ARG C 17 8.00 -15.92 -28.38
CA ARG C 17 7.97 -15.23 -29.71
C ARG C 17 6.65 -14.47 -29.89
N LEU C 18 5.51 -15.13 -29.62
CA LEU C 18 4.16 -14.53 -29.74
C LEU C 18 4.06 -13.28 -28.86
N LYS C 19 4.41 -13.39 -27.59
CA LYS C 19 4.31 -12.27 -26.62
C LYS C 19 5.25 -11.13 -27.05
N SER C 20 6.45 -11.46 -27.46
CA SER C 20 7.45 -10.50 -27.99
C SER C 20 6.86 -9.79 -29.24
N ASP C 21 6.32 -10.54 -30.19
CA ASP C 21 5.71 -9.97 -31.43
C ASP C 21 4.57 -9.00 -31.05
N LEU C 22 3.69 -9.38 -30.12
CA LEU C 22 2.49 -8.56 -29.79
C LEU C 22 2.90 -7.30 -29.03
N PHE C 23 3.81 -7.38 -28.07
CA PHE C 23 4.07 -6.30 -27.08
C PHE C 23 5.31 -5.46 -27.45
N ASN C 24 6.11 -5.82 -28.46
CA ASN C 24 7.27 -5.01 -28.93
C ASN C 24 7.07 -4.64 -30.40
N ARG C 25 7.13 -5.63 -31.30
CA ARG C 25 7.23 -5.46 -32.78
C ARG C 25 5.91 -4.92 -33.36
N SER C 26 4.81 -5.02 -32.62
CA SER C 26 3.53 -4.33 -32.91
C SER C 26 3.41 -3.14 -31.97
N PRO C 27 3.03 -1.93 -32.47
CA PRO C 27 2.66 -0.81 -31.61
C PRO C 27 1.48 -1.19 -30.70
N MET C 28 1.52 -0.71 -29.45
CA MET C 28 0.46 -0.97 -28.44
C MET C 28 -0.77 -0.10 -28.73
N TYR C 29 -1.94 -0.58 -28.30
CA TYR C 29 -3.24 0.15 -28.21
C TYR C 29 -3.13 1.31 -27.23
N PRO C 30 -3.58 2.54 -27.59
CA PRO C 30 -3.64 3.69 -26.69
C PRO C 30 -4.99 3.97 -26.00
N GLY C 31 -5.92 3.02 -26.06
CA GLY C 31 -7.28 3.16 -25.52
C GLY C 31 -8.27 3.48 -26.63
N PRO C 32 -9.58 3.38 -26.35
CA PRO C 32 -10.60 3.59 -27.37
C PRO C 32 -10.78 5.09 -27.67
N THR C 33 -11.37 5.39 -28.83
CA THR C 33 -11.69 6.76 -29.27
C THR C 33 -13.07 6.74 -29.94
N LYS C 34 -13.62 7.92 -30.26
CA LYS C 34 -14.90 8.05 -31.00
C LYS C 34 -14.80 7.32 -32.34
N ASP C 35 -13.60 7.29 -32.94
CA ASP C 35 -13.32 6.72 -34.29
C ASP C 35 -13.20 5.20 -34.19
N ASP C 36 -12.81 4.72 -33.02
CA ASP C 36 -12.45 3.30 -32.76
C ASP C 36 -13.06 2.90 -31.42
N PRO C 37 -14.42 2.89 -31.29
CA PRO C 37 -15.10 2.66 -30.02
C PRO C 37 -14.95 1.20 -29.59
N LEU C 38 -15.03 0.92 -28.29
CA LEU C 38 -14.81 -0.42 -27.72
C LEU C 38 -16.05 -0.84 -26.94
N THR C 39 -16.49 -2.08 -27.13
CA THR C 39 -17.55 -2.70 -26.30
C THR C 39 -16.92 -3.59 -25.24
N VAL C 40 -17.25 -3.33 -23.98
CA VAL C 40 -16.77 -4.14 -22.83
C VAL C 40 -17.98 -4.92 -22.31
N THR C 41 -17.87 -6.24 -22.24
CA THR C 41 -18.94 -7.07 -21.64
C THR C 41 -18.62 -7.24 -20.15
N LEU C 42 -19.60 -7.02 -19.28
CA LEU C 42 -19.47 -7.18 -17.80
C LEU C 42 -20.49 -8.19 -17.30
N GLY C 43 -20.07 -8.98 -16.33
CA GLY C 43 -20.92 -9.92 -15.58
C GLY C 43 -20.38 -10.05 -14.18
N PHE C 44 -21.28 -10.19 -13.22
CA PHE C 44 -20.97 -10.34 -11.78
C PHE C 44 -21.33 -11.75 -11.34
N THR C 45 -20.44 -12.31 -10.52
CA THR C 45 -20.64 -13.53 -9.72
C THR C 45 -20.58 -13.12 -8.26
N LEU C 46 -21.71 -13.07 -7.58
CA LEU C 46 -21.79 -12.62 -6.17
C LEU C 46 -21.42 -13.79 -5.25
N GLN C 47 -20.36 -13.63 -4.46
CA GLN C 47 -19.90 -14.69 -3.54
C GLN C 47 -20.44 -14.48 -2.13
N ASP C 48 -20.55 -13.25 -1.67
CA ASP C 48 -20.97 -13.07 -0.26
C ASP C 48 -21.36 -11.62 -0.02
N ILE C 49 -22.43 -11.43 0.74
CA ILE C 49 -22.65 -10.14 1.44
C ILE C 49 -22.02 -10.34 2.82
N VAL C 50 -20.87 -9.72 3.05
CA VAL C 50 -20.07 -9.97 4.28
C VAL C 50 -20.66 -9.19 5.44
N LYS C 51 -21.08 -7.96 5.19
CA LYS C 51 -21.45 -7.02 6.28
C LYS C 51 -22.49 -6.01 5.79
N ALA C 52 -23.47 -5.69 6.64
CA ALA C 52 -24.47 -4.64 6.37
C ALA C 52 -24.53 -3.70 7.57
N ASP C 53 -23.96 -2.50 7.46
CA ASP C 53 -23.78 -1.56 8.60
C ASP C 53 -24.90 -0.51 8.59
N SER C 54 -25.86 -0.63 9.50
CA SER C 54 -27.02 0.28 9.64
C SER C 54 -26.59 1.58 10.35
N SER C 55 -25.38 1.67 10.92
CA SER C 55 -24.92 2.95 11.53
C SER C 55 -24.39 3.89 10.43
N THR C 56 -23.95 3.38 9.27
CA THR C 56 -23.33 4.21 8.20
C THR C 56 -23.99 3.98 6.84
N ASN C 57 -24.91 3.01 6.75
CA ASN C 57 -25.58 2.60 5.49
C ASN C 57 -24.45 2.32 4.48
N GLU C 58 -23.60 1.38 4.85
CA GLU C 58 -22.57 0.76 3.97
C GLU C 58 -22.82 -0.74 3.98
N VAL C 59 -22.74 -1.37 2.82
CA VAL C 59 -22.79 -2.85 2.68
C VAL C 59 -21.52 -3.32 1.98
N ASP C 60 -20.98 -4.44 2.46
CA ASP C 60 -19.72 -4.99 1.91
C ASP C 60 -20.04 -6.26 1.13
N LEU C 61 -19.67 -6.29 -0.14
CA LEU C 61 -19.89 -7.42 -1.07
C LEU C 61 -18.55 -8.01 -1.47
N VAL C 62 -18.50 -9.32 -1.62
CA VAL C 62 -17.36 -10.01 -2.28
C VAL C 62 -17.93 -10.63 -3.55
N TYR C 63 -17.29 -10.36 -4.68
CA TYR C 63 -17.77 -10.85 -5.99
C TYR C 63 -16.59 -10.98 -6.91
N TYR C 64 -16.79 -11.66 -8.01
CA TYR C 64 -15.84 -11.42 -9.12
C TYR C 64 -16.58 -10.86 -10.32
N GLU C 65 -15.85 -10.00 -11.00
CA GLU C 65 -16.36 -9.19 -12.12
C GLU C 65 -15.68 -9.71 -13.39
N GLN C 66 -16.43 -10.35 -14.26
CA GLN C 66 -15.90 -10.78 -15.57
C GLN C 66 -15.95 -9.59 -16.53
N GLN C 67 -14.80 -9.26 -17.10
CA GLN C 67 -14.67 -8.20 -18.12
C GLN C 67 -14.17 -8.86 -19.40
N ARG C 68 -14.77 -8.51 -20.53
CA ARG C 68 -14.35 -9.04 -21.84
C ARG C 68 -14.39 -7.91 -22.87
N TRP C 69 -13.38 -7.87 -23.72
CA TRP C 69 -13.28 -6.94 -24.87
C TRP C 69 -12.39 -7.58 -25.92
N LYS C 70 -12.29 -6.97 -27.10
CA LYS C 70 -11.57 -7.56 -28.25
C LYS C 70 -10.85 -6.42 -28.96
N LEU C 71 -9.54 -6.59 -29.19
CA LEU C 71 -8.69 -5.62 -29.93
C LEU C 71 -8.12 -6.30 -31.18
N ASN C 72 -8.15 -5.62 -32.33
CA ASN C 72 -7.50 -6.14 -33.55
C ASN C 72 -6.00 -6.33 -33.30
N SER C 73 -5.38 -5.47 -32.48
CA SER C 73 -3.92 -5.48 -32.17
C SER C 73 -3.49 -6.69 -31.34
N LEU C 74 -4.40 -7.44 -30.69
CA LEU C 74 -4.04 -8.68 -29.95
C LEU C 74 -4.40 -9.94 -30.76
N MET C 75 -4.62 -9.83 -32.07
CA MET C 75 -4.95 -11.01 -32.90
C MET C 75 -3.65 -11.66 -33.40
N TRP C 76 -3.68 -12.97 -33.60
CA TRP C 76 -2.57 -13.71 -34.26
C TRP C 76 -3.12 -14.98 -34.91
N ASP C 77 -2.31 -15.55 -35.81
CA ASP C 77 -2.60 -16.83 -36.49
C ASP C 77 -1.93 -17.94 -35.71
N PRO C 78 -2.70 -18.83 -35.05
CA PRO C 78 -2.13 -19.94 -34.28
C PRO C 78 -1.14 -20.78 -35.10
N ASN C 79 -1.38 -20.96 -36.40
CA ASN C 79 -0.51 -21.77 -37.30
C ASN C 79 0.90 -21.21 -37.31
N GLU C 80 1.03 -19.87 -37.20
CA GLU C 80 2.33 -19.15 -37.24
C GLU C 80 3.04 -19.27 -35.90
N TYR C 81 2.41 -19.83 -34.87
CA TYR C 81 2.95 -19.87 -33.48
C TYR C 81 2.68 -21.23 -32.82
N GLY C 82 2.91 -22.33 -33.55
CA GLY C 82 2.78 -23.71 -33.05
C GLY C 82 1.38 -24.02 -32.51
N ASN C 83 0.33 -23.43 -33.11
CA ASN C 83 -1.11 -23.63 -32.78
C ASN C 83 -1.42 -23.19 -31.35
N ILE C 84 -0.72 -22.18 -30.83
CA ILE C 84 -1.12 -21.51 -29.56
C ILE C 84 -2.38 -20.70 -29.86
N THR C 85 -3.46 -20.95 -29.13
CA THR C 85 -4.78 -20.33 -29.36
C THR C 85 -5.07 -19.27 -28.29
N ASP C 86 -4.34 -19.31 -27.17
CA ASP C 86 -4.51 -18.32 -26.09
C ASP C 86 -3.26 -18.30 -25.21
N PHE C 87 -3.12 -17.26 -24.38
CA PHE C 87 -2.07 -17.18 -23.34
C PHE C 87 -2.57 -16.35 -22.16
N ARG C 88 -1.94 -16.56 -21.02
CA ARG C 88 -2.15 -15.77 -19.79
C ARG C 88 -1.08 -14.71 -19.75
N THR C 89 -1.40 -13.50 -19.34
CA THR C 89 -0.40 -12.43 -19.21
C THR C 89 -0.81 -11.48 -18.08
N SER C 90 0.17 -10.84 -17.44
CA SER C 90 -0.07 -9.79 -16.41
C SER C 90 -1.03 -8.73 -16.98
N ALA C 91 -2.04 -8.32 -16.22
CA ALA C 91 -2.98 -7.24 -16.59
C ALA C 91 -2.20 -5.94 -16.87
N ALA C 92 -0.99 -5.74 -16.33
CA ALA C 92 -0.15 -4.54 -16.59
C ALA C 92 0.49 -4.55 -17.99
N ASP C 93 0.52 -5.69 -18.68
CA ASP C 93 1.14 -5.80 -20.04
C ASP C 93 0.15 -5.33 -21.11
N ILE C 94 -1.13 -5.18 -20.76
CA ILE C 94 -2.18 -4.83 -21.75
C ILE C 94 -3.00 -3.65 -21.21
N TRP C 95 -3.70 -3.00 -22.13
CA TRP C 95 -4.74 -2.00 -21.79
C TRP C 95 -5.87 -2.72 -21.05
N THR C 96 -6.41 -2.13 -19.98
CA THR C 96 -7.62 -2.64 -19.31
C THR C 96 -8.58 -1.48 -19.11
N PRO C 97 -9.89 -1.75 -19.18
CA PRO C 97 -10.88 -0.68 -19.05
C PRO C 97 -10.97 -0.17 -17.60
N ASP C 98 -11.28 1.11 -17.42
CA ASP C 98 -11.34 1.81 -16.11
C ASP C 98 -12.72 1.60 -15.48
N ILE C 99 -13.21 0.35 -15.42
CA ILE C 99 -14.58 0.07 -14.91
C ILE C 99 -14.57 0.34 -13.40
N THR C 100 -15.49 1.17 -12.93
CA THR C 100 -15.49 1.74 -11.58
C THR C 100 -16.89 1.59 -10.99
N ALA C 101 -16.99 1.29 -9.70
CA ALA C 101 -18.26 1.41 -8.96
C ALA C 101 -18.52 2.90 -8.73
N TYR C 102 -19.75 3.35 -8.94
CA TYR C 102 -20.07 4.80 -8.88
C TYR C 102 -20.46 5.22 -7.46
N SER C 103 -20.71 4.30 -6.54
CA SER C 103 -21.18 4.63 -5.18
C SER C 103 -20.39 3.83 -4.12
N SER C 104 -19.12 3.50 -4.41
CA SER C 104 -18.18 2.94 -3.42
C SER C 104 -17.94 3.95 -2.28
N THR C 105 -17.66 3.45 -1.07
CA THR C 105 -17.33 4.34 0.07
C THR C 105 -15.89 4.12 0.52
N ARG C 106 -15.23 3.13 -0.06
CA ARG C 106 -13.81 2.78 0.24
CA ARG C 106 -13.82 2.78 0.25
C ARG C 106 -13.17 2.26 -1.02
N PRO C 107 -11.84 2.33 -1.14
CA PRO C 107 -11.16 1.75 -2.29
C PRO C 107 -11.47 0.25 -2.35
N VAL C 108 -11.75 -0.25 -3.55
CA VAL C 108 -12.01 -1.69 -3.77
CA VAL C 108 -12.00 -1.69 -3.78
C VAL C 108 -10.75 -2.46 -3.33
N GLN C 109 -10.94 -3.61 -2.71
CA GLN C 109 -9.80 -4.47 -2.30
C GLN C 109 -9.75 -5.65 -3.27
N VAL C 110 -8.62 -5.85 -3.94
CA VAL C 110 -8.47 -6.89 -4.98
C VAL C 110 -8.08 -8.20 -4.28
N LEU C 111 -8.79 -9.29 -4.59
CA LEU C 111 -8.67 -10.60 -3.89
C LEU C 111 -8.02 -11.64 -4.80
N SER C 112 -7.79 -11.32 -6.08
CA SER C 112 -7.28 -12.27 -7.08
C SER C 112 -6.06 -11.70 -7.80
N PRO C 113 -5.23 -12.55 -8.43
CA PRO C 113 -4.10 -12.10 -9.24
C PRO C 113 -4.54 -11.25 -10.44
N GLN C 114 -3.79 -10.21 -10.76
CA GLN C 114 -4.05 -9.28 -11.89
C GLN C 114 -3.46 -9.89 -13.16
N ILE C 115 -4.11 -10.95 -13.65
CA ILE C 115 -3.67 -11.73 -14.85
C ILE C 115 -4.89 -11.88 -15.76
N ALA C 116 -4.71 -11.65 -17.05
CA ALA C 116 -5.78 -11.77 -18.06
C ALA C 116 -5.45 -12.93 -19.00
N VAL C 117 -6.47 -13.41 -19.70
CA VAL C 117 -6.32 -14.43 -20.76
C VAL C 117 -6.62 -13.73 -22.09
N VAL C 118 -5.70 -13.84 -23.03
CA VAL C 118 -5.83 -13.28 -24.40
C VAL C 118 -5.99 -14.47 -25.35
N THR C 119 -6.96 -14.37 -26.25
CA THR C 119 -7.27 -15.42 -27.25
C THR C 119 -6.87 -14.89 -28.64
N HIS C 120 -6.57 -15.81 -29.56
CA HIS C 120 -6.00 -15.52 -30.91
C HIS C 120 -6.91 -14.60 -31.74
N ASP C 121 -8.22 -14.55 -31.45
CA ASP C 121 -9.18 -13.59 -32.08
C ASP C 121 -9.02 -12.18 -31.47
N GLY C 122 -8.10 -11.97 -30.54
CA GLY C 122 -7.85 -10.66 -29.90
C GLY C 122 -8.78 -10.41 -28.72
N SER C 123 -9.61 -11.39 -28.35
CA SER C 123 -10.52 -11.26 -27.19
C SER C 123 -9.68 -11.36 -25.91
N VAL C 124 -10.02 -10.52 -24.94
CA VAL C 124 -9.36 -10.54 -23.61
C VAL C 124 -10.44 -10.88 -22.58
N MET C 125 -10.10 -11.74 -21.61
CA MET C 125 -11.00 -12.02 -20.49
C MET C 125 -10.23 -11.77 -19.21
N PHE C 126 -10.76 -10.90 -18.36
CA PHE C 126 -10.13 -10.48 -17.10
C PHE C 126 -11.19 -10.59 -16.00
N ILE C 127 -10.90 -11.31 -14.90
CA ILE C 127 -11.92 -11.65 -13.88
C ILE C 127 -11.37 -11.25 -12.49
N PRO C 128 -11.32 -9.95 -12.15
CA PRO C 128 -10.88 -9.54 -10.82
C PRO C 128 -11.94 -9.88 -9.77
N ALA C 129 -11.54 -10.60 -8.71
CA ALA C 129 -12.32 -10.78 -7.47
C ALA C 129 -12.09 -9.55 -6.57
N GLN C 130 -13.15 -9.04 -5.95
CA GLN C 130 -13.12 -7.75 -5.24
C GLN C 130 -13.97 -7.86 -3.97
N ARG C 131 -13.54 -7.09 -2.97
CA ARG C 131 -14.39 -6.71 -1.83
C ARG C 131 -14.69 -5.22 -2.00
N LEU C 132 -15.99 -4.90 -2.06
CA LEU C 132 -16.51 -3.52 -2.28
C LEU C 132 -17.38 -3.10 -1.09
N SER C 133 -17.10 -1.95 -0.51
CA SER C 133 -18.01 -1.23 0.41
C SER C 133 -18.78 -0.24 -0.45
N PHE C 134 -20.11 -0.25 -0.40
CA PHE C 134 -20.91 0.72 -1.20
C PHE C 134 -22.09 1.22 -0.38
N MET C 135 -22.66 2.32 -0.87
CA MET C 135 -23.78 3.02 -0.23
C MET C 135 -25.04 2.15 -0.32
N CYS C 136 -25.57 1.77 0.84
CA CYS C 136 -26.71 0.84 0.91
C CYS C 136 -27.37 0.94 2.28
N ASP C 137 -28.66 1.27 2.29
CA ASP C 137 -29.51 1.28 3.50
C ASP C 137 -30.04 -0.13 3.66
N PRO C 138 -29.59 -0.90 4.66
CA PRO C 138 -30.07 -2.26 4.87
C PRO C 138 -31.42 -2.32 5.62
N THR C 139 -32.13 -1.20 5.78
CA THR C 139 -33.47 -1.19 6.43
C THR C 139 -34.35 -2.25 5.76
N GLY C 140 -34.94 -3.13 6.57
CA GLY C 140 -35.84 -4.21 6.09
C GLY C 140 -35.11 -5.53 5.96
N VAL C 141 -33.80 -5.57 6.19
CA VAL C 141 -33.01 -6.81 6.02
C VAL C 141 -33.50 -7.88 7.01
N ASP C 142 -34.04 -7.48 8.17
CA ASP C 142 -34.58 -8.40 9.22
C ASP C 142 -36.10 -8.57 9.05
N SER C 143 -36.61 -8.54 7.82
CA SER C 143 -38.05 -8.77 7.48
C SER C 143 -38.11 -9.73 6.30
N GLU C 144 -39.30 -10.27 6.01
CA GLU C 144 -39.49 -11.28 4.94
C GLU C 144 -39.18 -10.65 3.58
N GLU C 145 -39.55 -9.38 3.37
CA GLU C 145 -39.37 -8.73 2.04
C GLU C 145 -37.93 -8.23 1.88
N GLY C 146 -37.16 -8.18 2.97
CA GLY C 146 -35.69 -7.92 2.93
C GLY C 146 -35.37 -6.50 2.51
N ALA C 147 -34.09 -6.21 2.26
CA ALA C 147 -33.61 -4.88 1.83
C ALA C 147 -33.23 -4.96 0.35
N THR C 148 -33.20 -3.80 -0.31
CA THR C 148 -32.85 -3.68 -1.73
C THR C 148 -31.79 -2.58 -1.83
N CYS C 149 -30.67 -2.90 -2.46
CA CYS C 149 -29.61 -1.91 -2.74
C CYS C 149 -29.11 -2.06 -4.17
N ALA C 150 -28.46 -1.02 -4.66
CA ALA C 150 -28.05 -0.93 -6.07
C ALA C 150 -26.72 -0.20 -6.14
N VAL C 151 -25.89 -0.64 -7.07
CA VAL C 151 -24.61 0.03 -7.36
C VAL C 151 -24.39 -0.06 -8.88
N LYS C 152 -24.09 1.08 -9.49
CA LYS C 152 -23.77 1.22 -10.93
C LYS C 152 -22.28 1.04 -11.15
N PHE C 153 -21.92 0.38 -12.25
CA PHE C 153 -20.51 0.21 -12.71
C PHE C 153 -20.39 0.75 -14.13
N GLY C 154 -19.29 1.44 -14.39
CA GLY C 154 -18.98 1.92 -15.75
C GLY C 154 -17.63 2.59 -15.77
N SER C 155 -17.23 3.02 -16.95
CA SER C 155 -16.01 3.80 -17.17
C SER C 155 -16.14 5.09 -16.35
N TRP C 156 -15.05 5.50 -15.72
CA TRP C 156 -15.00 6.78 -15.00
C TRP C 156 -14.83 7.92 -16.02
N VAL C 157 -14.07 7.69 -17.09
CA VAL C 157 -13.56 8.81 -17.93
C VAL C 157 -14.04 8.70 -19.38
N TYR C 158 -14.49 7.52 -19.83
CA TYR C 158 -14.96 7.36 -21.23
C TYR C 158 -16.48 7.42 -21.28
N SER C 159 -16.98 8.20 -22.22
CA SER C 159 -18.42 8.29 -22.53
C SER C 159 -18.82 7.07 -23.39
N GLY C 160 -20.12 6.89 -23.59
CA GLY C 160 -20.70 5.93 -24.57
C GLY C 160 -20.12 6.07 -25.98
N PHE C 161 -19.51 7.20 -26.33
CA PHE C 161 -18.91 7.41 -27.68
C PHE C 161 -17.58 6.66 -27.79
N GLU C 162 -16.94 6.29 -26.67
CA GLU C 162 -15.65 5.56 -26.70
C GLU C 162 -15.81 4.14 -26.13
N ILE C 163 -16.52 3.98 -25.01
CA ILE C 163 -16.75 2.63 -24.40
C ILE C 163 -18.26 2.39 -24.32
N ASP C 164 -18.71 1.31 -24.93
CA ASP C 164 -20.09 0.79 -24.77
C ASP C 164 -19.97 -0.37 -23.80
N LEU C 165 -21.02 -0.62 -23.02
CA LEU C 165 -21.08 -1.77 -22.10
C LEU C 165 -22.22 -2.69 -22.52
N LYS C 166 -22.06 -3.96 -22.22
CA LYS C 166 -23.05 -5.03 -22.49
C LYS C 166 -22.97 -6.00 -21.31
N THR C 167 -24.07 -6.68 -21.00
CA THR C 167 -24.10 -7.92 -20.19
C THR C 167 -24.38 -9.08 -21.15
N ASP C 168 -23.82 -10.26 -20.92
CA ASP C 168 -24.15 -11.48 -21.70
C ASP C 168 -25.47 -12.06 -21.17
N THR C 169 -25.83 -11.72 -19.92
CA THR C 169 -27.12 -12.07 -19.27
C THR C 169 -27.49 -11.00 -18.24
N ASP C 170 -28.77 -10.86 -17.92
CA ASP C 170 -29.25 -9.82 -16.96
CA ASP C 170 -29.30 -9.84 -16.97
C ASP C 170 -29.37 -10.45 -15.55
N GLN C 171 -29.12 -11.77 -15.43
CA GLN C 171 -29.17 -12.48 -14.12
C GLN C 171 -27.75 -12.55 -13.56
N VAL C 172 -27.53 -12.03 -12.36
CA VAL C 172 -26.23 -12.16 -11.64
C VAL C 172 -26.02 -13.65 -11.39
N ASP C 173 -24.79 -14.11 -11.57
CA ASP C 173 -24.44 -15.52 -11.27
C ASP C 173 -24.39 -15.67 -9.73
N LEU C 174 -25.33 -16.43 -9.15
CA LEU C 174 -25.41 -16.74 -7.70
C LEU C 174 -24.96 -18.16 -7.40
N SER C 175 -24.37 -18.83 -8.39
CA SER C 175 -23.98 -20.26 -8.28
C SER C 175 -22.82 -20.44 -7.29
N SER C 176 -22.08 -19.37 -6.95
CA SER C 176 -20.93 -19.41 -6.02
C SER C 176 -21.28 -18.60 -4.76
N TYR C 177 -22.55 -18.30 -4.54
CA TYR C 177 -22.95 -17.49 -3.36
C TYR C 177 -22.76 -18.38 -2.12
N TYR C 178 -22.03 -17.88 -1.11
CA TYR C 178 -21.66 -18.66 0.09
C TYR C 178 -22.94 -19.16 0.78
N ALA C 179 -23.07 -20.46 0.96
CA ALA C 179 -24.32 -21.11 1.46
C ALA C 179 -24.58 -20.67 2.90
N SER C 180 -23.55 -20.34 3.67
CA SER C 180 -23.73 -20.03 5.12
C SER C 180 -23.43 -18.55 5.37
N SER C 181 -23.67 -17.68 4.38
CA SER C 181 -23.65 -16.20 4.56
C SER C 181 -24.65 -15.78 5.64
N LYS C 182 -24.35 -14.72 6.37
CA LYS C 182 -25.34 -14.07 7.28
C LYS C 182 -26.57 -13.61 6.48
N TYR C 183 -26.45 -13.37 5.16
CA TYR C 183 -27.55 -12.87 4.29
C TYR C 183 -27.81 -13.86 3.16
N GLU C 184 -29.09 -14.15 2.89
CA GLU C 184 -29.50 -14.89 1.67
C GLU C 184 -29.91 -13.87 0.61
N ILE C 185 -29.69 -14.22 -0.67
CA ILE C 185 -30.04 -13.35 -1.83
C ILE C 185 -31.46 -13.70 -2.27
N LEU C 186 -32.34 -12.73 -2.30
CA LEU C 186 -33.71 -12.93 -2.86
C LEU C 186 -33.65 -12.80 -4.38
N SER C 187 -32.87 -11.84 -4.88
CA SER C 187 -32.63 -11.66 -6.33
C SER C 187 -31.42 -10.75 -6.55
N ALA C 188 -30.82 -10.89 -7.72
CA ALA C 188 -29.62 -10.13 -8.12
C ALA C 188 -29.66 -9.95 -9.64
N THR C 189 -29.80 -8.71 -10.08
CA THR C 189 -29.89 -8.36 -11.52
C THR C 189 -28.71 -7.46 -11.89
N GLN C 190 -28.34 -7.50 -13.17
CA GLN C 190 -27.27 -6.64 -13.76
C GLN C 190 -27.81 -6.13 -15.09
N THR C 191 -28.08 -4.83 -15.21
CA THR C 191 -28.86 -4.25 -16.33
C THR C 191 -28.08 -3.08 -16.90
N ARG C 192 -27.80 -3.11 -18.20
CA ARG C 192 -27.24 -1.95 -18.94
C ARG C 192 -28.21 -0.77 -18.86
N GLN C 193 -27.71 0.41 -18.56
CA GLN C 193 -28.49 1.67 -18.47
C GLN C 193 -27.76 2.74 -19.27
N VAL C 194 -28.53 3.57 -19.95
CA VAL C 194 -28.02 4.73 -20.73
C VAL C 194 -28.51 5.96 -19.97
N GLN C 195 -27.62 6.87 -19.66
CA GLN C 195 -27.95 8.07 -18.84
CA GLN C 195 -27.96 8.08 -18.86
C GLN C 195 -27.31 9.30 -19.49
N HIS C 196 -28.03 10.42 -19.44
CA HIS C 196 -27.54 11.77 -19.79
C HIS C 196 -27.40 12.53 -18.46
N TYR C 197 -26.29 13.23 -18.25
CA TYR C 197 -26.08 14.15 -17.11
C TYR C 197 -26.20 15.58 -17.61
N SER C 198 -26.70 16.48 -16.75
CA SER C 198 -26.92 17.92 -17.09
C SER C 198 -25.61 18.53 -17.62
N CYS C 199 -24.47 18.20 -16.99
CA CYS C 199 -23.12 18.75 -17.30
C CYS C 199 -22.81 18.65 -18.80
N CYS C 200 -23.08 17.51 -19.42
CA CYS C 200 -22.36 17.03 -20.62
C CYS C 200 -23.36 16.59 -21.69
N PRO C 201 -23.03 16.71 -22.99
CA PRO C 201 -23.92 16.30 -24.08
C PRO C 201 -23.96 14.81 -24.48
N GLU C 202 -22.87 14.06 -24.24
CA GLU C 202 -22.69 12.65 -24.73
C GLU C 202 -23.49 11.69 -23.85
N PRO C 203 -23.90 10.51 -24.37
CA PRO C 203 -24.55 9.50 -23.52
C PRO C 203 -23.53 8.80 -22.61
N TYR C 204 -23.95 8.42 -21.41
CA TYR C 204 -23.12 7.66 -20.45
C TYR C 204 -23.79 6.31 -20.18
N ILE C 205 -22.98 5.25 -20.19
CA ILE C 205 -23.42 3.83 -20.10
C ILE C 205 -22.95 3.28 -18.75
N ASP C 206 -23.83 2.56 -18.05
CA ASP C 206 -23.44 1.83 -16.82
C ASP C 206 -24.15 0.49 -16.81
N VAL C 207 -23.70 -0.39 -15.93
CA VAL C 207 -24.41 -1.64 -15.60
C VAL C 207 -24.80 -1.55 -14.13
N ASN C 208 -26.10 -1.67 -13.87
CA ASN C 208 -26.71 -1.45 -12.55
C ASN C 208 -26.88 -2.83 -11.93
N LEU C 209 -26.17 -3.05 -10.83
CA LEU C 209 -26.26 -4.29 -10.02
C LEU C 209 -27.27 -4.04 -8.90
N VAL C 210 -28.39 -4.75 -8.92
CA VAL C 210 -29.47 -4.54 -7.91
C VAL C 210 -29.60 -5.82 -7.10
N VAL C 211 -29.41 -5.72 -5.79
CA VAL C 211 -29.42 -6.91 -4.90
C VAL C 211 -30.52 -6.73 -3.86
N LYS C 212 -31.41 -7.71 -3.79
CA LYS C 212 -32.43 -7.85 -2.71
C LYS C 212 -32.00 -8.99 -1.81
N PHE C 213 -31.87 -8.73 -0.51
CA PHE C 213 -31.26 -9.68 0.45
C PHE C 213 -31.94 -9.51 1.81
N ARG C 214 -31.80 -10.52 2.65
CA ARG C 214 -32.35 -10.53 4.02
C ARG C 214 -31.53 -11.47 4.91
N GLU C 215 -31.66 -11.28 6.21
CA GLU C 215 -30.95 -12.09 7.23
C GLU C 215 -31.36 -13.55 7.02
N ARG C 216 -30.40 -14.48 7.04
N ARG C 216 -30.38 -14.46 6.97
CA ARG C 216 -30.63 -15.94 6.79
CA ARG C 216 -30.60 -15.92 6.81
C ARG C 216 -31.79 -16.48 7.65
C ARG C 216 -31.42 -16.45 8.00
N ASP D 1 -14.88 -2.47 -44.43
CA ASP D 1 -14.04 -2.86 -45.62
C ASP D 1 -12.57 -2.56 -45.30
N TYR D 2 -11.65 -2.81 -46.23
CA TYR D 2 -10.20 -2.51 -46.00
C TYR D 2 -10.04 -1.03 -45.63
N LYS D 3 -10.73 -0.12 -46.32
CA LYS D 3 -10.67 1.34 -46.05
C LYS D 3 -11.04 1.62 -44.58
N ASP D 4 -12.12 1.01 -44.06
CA ASP D 4 -12.53 1.19 -42.64
C ASP D 4 -11.40 0.70 -41.72
N ASP D 5 -10.86 -0.50 -41.98
CA ASP D 5 -9.75 -1.12 -41.20
C ASP D 5 -8.56 -0.15 -41.17
N ASP D 6 -8.23 0.47 -42.30
CA ASP D 6 -7.11 1.44 -42.43
C ASP D 6 -7.42 2.70 -41.61
N ASP D 7 -8.63 3.24 -41.68
CA ASP D 7 -9.04 4.46 -40.94
C ASP D 7 -8.79 4.25 -39.44
N LYS D 8 -9.21 3.11 -38.88
CA LYS D 8 -9.07 2.82 -37.42
C LYS D 8 -7.58 2.70 -37.07
N LEU D 9 -6.78 2.02 -37.90
CA LEU D 9 -5.31 1.90 -37.68
C LEU D 9 -4.70 3.30 -37.70
N HIS D 10 -5.08 4.13 -38.68
CA HIS D 10 -4.60 5.53 -38.87
C HIS D 10 -4.96 6.35 -37.62
N SER D 11 -6.19 6.23 -37.11
CA SER D 11 -6.70 6.99 -35.94
C SER D 11 -5.88 6.64 -34.69
N GLN D 12 -5.52 5.36 -34.50
CA GLN D 12 -4.66 4.91 -33.37
C GLN D 12 -3.26 5.52 -33.51
N ALA D 13 -2.67 5.45 -34.70
CA ALA D 13 -1.34 6.01 -34.99
C ALA D 13 -1.34 7.53 -34.68
N ASN D 14 -2.40 8.26 -35.05
CA ASN D 14 -2.48 9.73 -34.83
C ASN D 14 -2.49 10.00 -33.31
N LEU D 15 -3.26 9.22 -32.54
CA LEU D 15 -3.34 9.41 -31.07
C LEU D 15 -1.95 9.13 -30.45
N MET D 16 -1.32 8.03 -30.84
CA MET D 16 0.00 7.63 -30.26
C MET D 16 1.06 8.68 -30.62
N ARG D 17 0.96 9.25 -31.83
CA ARG D 17 1.87 10.32 -32.33
C ARG D 17 1.63 11.61 -31.55
N LEU D 18 0.37 12.01 -31.34
CA LEU D 18 0.01 13.21 -30.54
C LEU D 18 0.60 13.07 -29.13
N LYS D 19 0.30 11.97 -28.43
CA LYS D 19 0.78 11.73 -27.04
C LYS D 19 2.31 11.77 -27.02
N SER D 20 2.96 11.11 -27.98
CA SER D 20 4.43 11.12 -28.17
C SER D 20 4.95 12.55 -28.33
N ASP D 21 4.34 13.35 -29.22
CA ASP D 21 4.74 14.75 -29.50
C ASP D 21 4.62 15.63 -28.25
N LEU D 22 3.56 15.46 -27.45
CA LEU D 22 3.26 16.31 -26.26
C LEU D 22 4.16 15.93 -25.09
N PHE D 23 4.37 14.63 -24.82
CA PHE D 23 5.02 14.10 -23.59
C PHE D 23 6.51 13.78 -23.82
N ASN D 24 6.83 13.00 -24.85
CA ASN D 24 8.22 12.51 -25.10
C ASN D 24 9.10 13.66 -25.60
N ARG D 25 8.63 14.42 -26.59
CA ARG D 25 9.42 15.48 -27.29
C ARG D 25 9.55 16.73 -26.41
N SER D 26 8.51 17.10 -25.66
CA SER D 26 8.48 18.33 -24.82
C SER D 26 8.64 17.98 -23.34
N PRO D 27 9.53 18.68 -22.58
CA PRO D 27 9.68 18.45 -21.14
C PRO D 27 8.42 18.78 -20.34
N MET D 28 8.09 17.96 -19.33
CA MET D 28 6.86 18.11 -18.52
C MET D 28 6.86 19.47 -17.82
N TYR D 29 5.69 20.11 -17.78
CA TYR D 29 5.42 21.43 -17.15
C TYR D 29 6.03 21.44 -15.76
N PRO D 30 6.83 22.46 -15.42
CA PRO D 30 7.52 22.51 -14.13
C PRO D 30 6.65 23.12 -13.02
N GLY D 31 5.40 23.43 -13.34
CA GLY D 31 4.46 24.04 -12.38
C GLY D 31 4.38 25.56 -12.58
N PRO D 32 3.38 26.21 -11.97
CA PRO D 32 3.19 27.65 -12.14
C PRO D 32 4.27 28.46 -11.39
N THR D 33 4.49 29.70 -11.83
CA THR D 33 5.43 30.68 -11.24
C THR D 33 4.71 32.02 -11.05
N LYS D 34 5.32 32.91 -10.27
CA LYS D 34 4.88 34.31 -10.05
C LYS D 34 4.62 34.96 -11.42
N ASP D 35 5.46 34.66 -12.41
CA ASP D 35 5.47 35.30 -13.77
C ASP D 35 4.44 34.59 -14.67
N ASP D 36 4.04 33.37 -14.33
CA ASP D 36 3.08 32.56 -15.12
C ASP D 36 2.09 31.88 -14.16
N PRO D 37 1.16 32.64 -13.52
CA PRO D 37 0.24 32.07 -12.54
C PRO D 37 -0.86 31.23 -13.21
N LEU D 38 -1.31 30.18 -12.53
CA LEU D 38 -2.27 29.22 -13.10
C LEU D 38 -3.60 29.30 -12.33
N THR D 39 -4.71 29.44 -13.03
CA THR D 39 -6.06 29.39 -12.44
C THR D 39 -6.53 27.94 -12.45
N VAL D 40 -6.89 27.42 -11.28
CA VAL D 40 -7.51 26.08 -11.16
C VAL D 40 -8.97 26.27 -10.72
N THR D 41 -9.90 25.76 -11.52
CA THR D 41 -11.35 25.79 -11.19
C THR D 41 -11.67 24.53 -10.38
N LEU D 42 -12.32 24.69 -9.23
CA LEU D 42 -12.72 23.55 -8.36
C LEU D 42 -14.23 23.54 -8.22
N GLY D 43 -14.81 22.35 -8.26
CA GLY D 43 -16.22 22.14 -7.90
C GLY D 43 -16.39 20.78 -7.23
N PHE D 44 -17.26 20.70 -6.25
CA PHE D 44 -17.51 19.46 -5.47
C PHE D 44 -18.89 18.93 -5.83
N THR D 45 -18.96 17.62 -5.98
CA THR D 45 -20.19 16.81 -6.03
C THR D 45 -20.22 15.96 -4.77
N LEU D 46 -21.09 16.29 -3.82
CA LEU D 46 -21.18 15.52 -2.56
C LEU D 46 -22.06 14.29 -2.80
N GLN D 47 -21.49 13.10 -2.64
CA GLN D 47 -22.24 11.84 -2.82
C GLN D 47 -22.82 11.33 -1.49
N ASP D 48 -22.08 11.47 -0.39
CA ASP D 48 -22.57 10.89 0.88
C ASP D 48 -21.80 11.45 2.07
N ILE D 49 -22.53 11.69 3.16
CA ILE D 49 -21.93 11.80 4.51
C ILE D 49 -22.01 10.39 5.10
N VAL D 50 -20.88 9.70 5.15
CA VAL D 50 -20.87 8.25 5.50
C VAL D 50 -20.96 8.11 7.02
N LYS D 51 -20.18 8.90 7.74
CA LYS D 51 -20.08 8.71 9.20
C LYS D 51 -19.83 10.05 9.88
N ALA D 52 -20.46 10.24 11.04
CA ALA D 52 -20.23 11.43 11.89
C ALA D 52 -19.88 10.88 13.27
N ASP D 53 -18.62 11.00 13.67
CA ASP D 53 -18.09 10.34 14.89
C ASP D 53 -18.04 11.39 15.99
N SER D 54 -18.98 11.33 16.95
CA SER D 54 -19.07 12.31 18.04
C SER D 54 -18.04 11.98 19.13
N SER D 55 -17.37 10.84 19.04
CA SER D 55 -16.33 10.49 20.05
C SER D 55 -14.99 11.11 19.67
N THR D 56 -14.74 11.38 18.38
CA THR D 56 -13.45 11.98 17.93
C THR D 56 -13.65 13.32 17.19
N ASN D 57 -14.89 13.70 16.92
CA ASN D 57 -15.22 14.88 16.08
C ASN D 57 -14.47 14.73 14.75
N GLU D 58 -14.73 13.63 14.08
CA GLU D 58 -14.36 13.39 12.67
C GLU D 58 -15.63 13.07 11.89
N VAL D 59 -15.73 13.58 10.69
CA VAL D 59 -16.85 13.24 9.77
C VAL D 59 -16.22 12.79 8.45
N ASP D 60 -16.82 11.77 7.86
CA ASP D 60 -16.31 11.11 6.64
C ASP D 60 -17.25 11.47 5.50
N LEU D 61 -16.70 12.08 4.44
CA LEU D 61 -17.47 12.44 3.23
C LEU D 61 -16.99 11.59 2.06
N VAL D 62 -17.90 11.28 1.16
CA VAL D 62 -17.54 10.80 -0.19
C VAL D 62 -17.97 11.88 -1.17
N TYR D 63 -17.08 12.29 -2.05
CA TYR D 63 -17.38 13.33 -3.06
C TYR D 63 -16.49 13.09 -4.27
N TYR D 64 -16.87 13.75 -5.36
CA TYR D 64 -16.06 13.94 -6.58
C TYR D 64 -15.59 15.39 -6.60
N GLU D 65 -14.30 15.59 -6.82
CA GLU D 65 -13.67 16.92 -6.86
C GLU D 65 -13.28 17.20 -8.32
N GLN D 66 -14.01 18.06 -9.00
CA GLN D 66 -13.69 18.43 -10.40
C GLN D 66 -12.61 19.51 -10.37
N GLN D 67 -11.48 19.23 -11.03
CA GLN D 67 -10.35 20.17 -11.16
C GLN D 67 -10.18 20.48 -12.65
N ARG D 68 -10.07 21.76 -12.99
CA ARG D 68 -9.88 22.20 -14.40
C ARG D 68 -8.78 23.25 -14.42
N TRP D 69 -7.87 23.14 -15.37
CA TRP D 69 -6.80 24.13 -15.61
C TRP D 69 -6.42 24.05 -17.09
N LYS D 70 -5.70 25.06 -17.57
CA LYS D 70 -5.36 25.17 -19.01
C LYS D 70 -3.88 25.50 -19.12
N LEU D 71 -3.15 24.68 -19.88
CA LEU D 71 -1.71 24.90 -20.18
C LEU D 71 -1.50 25.12 -21.68
N ASN D 72 -0.72 26.13 -22.04
CA ASN D 72 -0.20 26.35 -23.42
C ASN D 72 0.51 25.10 -23.94
N SER D 73 1.32 24.46 -23.10
CA SER D 73 2.17 23.28 -23.46
C SER D 73 1.33 22.04 -23.80
N LEU D 74 0.01 22.06 -23.60
CA LEU D 74 -0.86 20.89 -23.92
C LEU D 74 -1.76 21.22 -25.11
N MET D 75 -1.46 22.30 -25.82
CA MET D 75 -2.27 22.72 -26.98
C MET D 75 -1.80 21.95 -28.21
N TRP D 76 -2.73 21.63 -29.10
CA TRP D 76 -2.41 21.13 -30.46
C TRP D 76 -3.49 21.63 -31.43
N ASP D 77 -3.16 21.55 -32.71
CA ASP D 77 -4.11 21.73 -33.83
C ASP D 77 -4.72 20.36 -34.16
N PRO D 78 -6.06 20.14 -33.97
CA PRO D 78 -6.68 18.88 -34.35
C PRO D 78 -6.38 18.48 -35.81
N ASN D 79 -6.33 19.48 -36.71
CA ASN D 79 -6.10 19.30 -38.18
C ASN D 79 -4.74 18.65 -38.44
N GLU D 80 -3.79 18.74 -37.49
CA GLU D 80 -2.44 18.11 -37.63
C GLU D 80 -2.47 16.66 -37.14
N TYR D 81 -3.57 16.18 -36.51
CA TYR D 81 -3.62 14.87 -35.79
C TYR D 81 -4.94 14.14 -36.09
N GLY D 82 -5.37 14.09 -37.36
CA GLY D 82 -6.59 13.41 -37.81
C GLY D 82 -7.84 13.87 -37.06
N ASN D 83 -7.91 15.15 -36.71
CA ASN D 83 -9.08 15.79 -36.06
C ASN D 83 -9.30 15.29 -34.62
N ILE D 84 -8.27 14.76 -33.97
CA ILE D 84 -8.35 14.43 -32.51
C ILE D 84 -8.55 15.74 -31.76
N THR D 85 -9.63 15.88 -30.99
CA THR D 85 -9.97 17.13 -30.24
C THR D 85 -9.67 16.96 -28.74
N ASP D 86 -9.49 15.72 -28.29
CA ASP D 86 -9.15 15.45 -26.87
C ASP D 86 -8.66 14.02 -26.75
N PHE D 87 -8.06 13.70 -25.61
CA PHE D 87 -7.66 12.32 -25.28
C PHE D 87 -7.70 12.13 -23.75
N ARG D 88 -7.79 10.87 -23.36
CA ARG D 88 -7.74 10.40 -21.97
C ARG D 88 -6.30 9.99 -21.71
N THR D 89 -5.73 10.36 -20.56
CA THR D 89 -4.34 10.00 -20.23
C THR D 89 -4.23 9.78 -18.72
N SER D 90 -3.32 8.92 -18.33
CA SER D 90 -2.96 8.70 -16.90
C SER D 90 -2.62 10.05 -16.25
N ALA D 91 -3.17 10.32 -15.06
CA ALA D 91 -2.83 11.52 -14.26
C ALA D 91 -1.31 11.63 -14.06
N ALA D 92 -0.55 10.54 -14.04
CA ALA D 92 0.92 10.54 -13.83
C ALA D 92 1.67 11.03 -15.09
N ASP D 93 1.01 11.09 -16.25
CA ASP D 93 1.63 11.56 -17.52
C ASP D 93 1.69 13.09 -17.56
N ILE D 94 0.93 13.79 -16.69
CA ILE D 94 0.79 15.28 -16.77
C ILE D 94 1.06 15.87 -15.40
N TRP D 95 1.32 17.17 -15.35
CA TRP D 95 1.33 17.90 -14.07
C TRP D 95 -0.12 17.94 -13.57
N THR D 96 -0.31 17.79 -12.26
CA THR D 96 -1.62 18.03 -11.58
C THR D 96 -1.41 18.93 -10.37
N PRO D 97 -2.41 19.77 -10.02
CA PRO D 97 -2.25 20.68 -8.87
C PRO D 97 -2.33 19.95 -7.53
N ASP D 98 -1.62 20.47 -6.53
CA ASP D 98 -1.49 19.82 -5.20
C ASP D 98 -2.65 20.26 -4.29
N ILE D 99 -3.88 20.17 -4.77
CA ILE D 99 -5.09 20.63 -4.04
C ILE D 99 -5.27 19.68 -2.86
N THR D 100 -5.35 20.22 -1.65
CA THR D 100 -5.34 19.42 -0.41
C THR D 100 -6.44 19.93 0.53
N ALA D 101 -7.06 19.04 1.30
CA ALA D 101 -7.90 19.46 2.45
C ALA D 101 -6.98 19.95 3.56
N TYR D 102 -7.31 21.07 4.22
CA TYR D 102 -6.42 21.68 5.23
C TYR D 102 -6.72 21.09 6.62
N SER D 103 -7.78 20.33 6.81
CA SER D 103 -8.18 19.81 8.14
C SER D 103 -8.57 18.32 8.05
N SER D 104 -7.95 17.55 7.16
CA SER D 104 -8.07 16.08 7.13
C SER D 104 -7.48 15.49 8.43
N THR D 105 -7.98 14.34 8.84
CA THR D 105 -7.46 13.62 10.02
C THR D 105 -6.91 12.27 9.60
N ARG D 106 -7.07 11.92 8.32
CA ARG D 106 -6.53 10.66 7.74
CA ARG D 106 -6.53 10.66 7.74
C ARG D 106 -6.17 10.92 6.29
N PRO D 107 -5.25 10.13 5.71
CA PRO D 107 -4.94 10.29 4.30
C PRO D 107 -6.23 10.09 3.48
N VAL D 108 -6.42 10.94 2.50
CA VAL D 108 -7.59 10.79 1.57
CA VAL D 108 -7.58 10.79 1.56
C VAL D 108 -7.50 9.43 0.90
N GLN D 109 -8.63 8.79 0.69
CA GLN D 109 -8.72 7.50 -0.04
C GLN D 109 -9.32 7.78 -1.42
N VAL D 110 -8.61 7.40 -2.46
CA VAL D 110 -9.04 7.68 -3.86
C VAL D 110 -9.94 6.53 -4.30
N LEU D 111 -11.10 6.85 -4.86
CA LEU D 111 -12.15 5.85 -5.19
C LEU D 111 -12.29 5.70 -6.70
N SER D 112 -11.57 6.50 -7.48
CA SER D 112 -11.70 6.49 -8.96
C SER D 112 -10.34 6.34 -9.63
N PRO D 113 -10.33 5.90 -10.91
CA PRO D 113 -9.10 5.82 -11.69
C PRO D 113 -8.39 7.17 -11.83
N GLN D 114 -7.07 7.19 -11.73
CA GLN D 114 -6.30 8.45 -11.86
C GLN D 114 -6.07 8.68 -13.37
N ILE D 115 -7.12 9.08 -14.09
CA ILE D 115 -7.08 9.37 -15.54
C ILE D 115 -7.69 10.75 -15.73
N ALA D 116 -7.11 11.58 -16.60
CA ALA D 116 -7.65 12.91 -16.88
C ALA D 116 -8.00 13.02 -18.36
N VAL D 117 -8.74 14.04 -18.73
CA VAL D 117 -9.05 14.33 -20.14
C VAL D 117 -8.35 15.62 -20.51
N VAL D 118 -7.57 15.57 -21.59
CA VAL D 118 -6.84 16.76 -22.12
C VAL D 118 -7.53 17.14 -23.44
N THR D 119 -7.89 18.42 -23.61
CA THR D 119 -8.59 18.96 -24.81
C THR D 119 -7.59 19.84 -25.59
N HIS D 120 -7.81 19.99 -26.90
CA HIS D 120 -6.83 20.55 -27.87
C HIS D 120 -6.50 22.02 -27.50
N ASP D 121 -7.39 22.72 -26.79
CA ASP D 121 -7.14 24.10 -26.29
C ASP D 121 -6.16 24.07 -25.09
N GLY D 122 -5.62 22.92 -24.73
CA GLY D 122 -4.67 22.78 -23.60
C GLY D 122 -5.40 22.62 -22.27
N SER D 123 -6.73 22.57 -22.26
CA SER D 123 -7.50 22.44 -21.00
C SER D 123 -7.50 20.99 -20.52
N VAL D 124 -7.47 20.83 -19.20
CA VAL D 124 -7.39 19.51 -18.53
C VAL D 124 -8.56 19.43 -17.57
N MET D 125 -9.25 18.30 -17.58
CA MET D 125 -10.35 18.01 -16.64
C MET D 125 -9.98 16.74 -15.88
N PHE D 126 -9.91 16.82 -14.56
CA PHE D 126 -9.55 15.69 -13.68
C PHE D 126 -10.58 15.64 -12.56
N ILE D 127 -11.21 14.47 -12.35
CA ILE D 127 -12.35 14.35 -11.39
C ILE D 127 -12.11 13.18 -10.44
N PRO D 128 -11.17 13.30 -9.48
CA PRO D 128 -10.98 12.26 -8.49
C PRO D 128 -12.17 12.15 -7.53
N ALA D 129 -12.66 10.92 -7.36
CA ALA D 129 -13.60 10.56 -6.29
C ALA D 129 -12.77 10.19 -5.04
N GLN D 130 -13.23 10.62 -3.87
CA GLN D 130 -12.43 10.59 -2.62
C GLN D 130 -13.35 10.26 -1.46
N ARG D 131 -12.82 9.50 -0.52
CA ARG D 131 -13.31 9.47 0.87
C ARG D 131 -12.35 10.25 1.78
N LEU D 132 -12.91 11.23 2.50
CA LEU D 132 -12.15 12.14 3.37
C LEU D 132 -12.72 12.07 4.79
N SER D 133 -11.84 11.90 5.77
CA SER D 133 -12.11 12.12 7.21
C SER D 133 -11.58 13.52 7.56
N PHE D 134 -12.41 14.38 8.13
CA PHE D 134 -11.98 15.76 8.48
C PHE D 134 -12.54 16.16 9.84
N MET D 135 -11.97 17.24 10.37
CA MET D 135 -12.28 17.75 11.73
C MET D 135 -13.66 18.41 11.68
N CYS D 136 -14.59 17.84 12.41
CA CYS D 136 -16.01 18.26 12.39
C CYS D 136 -16.67 17.80 13.70
N ASP D 137 -17.24 18.74 14.45
CA ASP D 137 -18.05 18.45 15.66
C ASP D 137 -19.50 18.26 15.20
N PRO D 138 -20.04 17.03 15.20
CA PRO D 138 -21.39 16.80 14.71
C PRO D 138 -22.46 17.06 15.79
N THR D 139 -22.10 17.72 16.89
CA THR D 139 -23.09 18.15 17.92
C THR D 139 -24.19 18.93 17.19
N GLY D 140 -25.44 18.53 17.40
CA GLY D 140 -26.63 19.18 16.81
C GLY D 140 -27.16 18.41 15.61
N VAL D 141 -26.48 17.33 15.18
CA VAL D 141 -26.87 16.52 13.99
C VAL D 141 -28.25 15.90 14.24
N ASP D 142 -28.60 15.67 15.50
CA ASP D 142 -29.91 15.12 15.95
C ASP D 142 -30.85 16.29 16.27
N SER D 143 -30.88 17.32 15.42
CA SER D 143 -31.70 18.55 15.65
C SER D 143 -32.23 19.07 14.30
N GLU D 144 -33.30 19.87 14.33
CA GLU D 144 -33.93 20.41 13.11
C GLU D 144 -32.90 21.16 12.27
N GLU D 145 -32.08 22.01 12.90
CA GLU D 145 -31.08 22.88 12.23
C GLU D 145 -29.84 22.05 11.86
N GLY D 146 -29.65 20.89 12.49
CA GLY D 146 -28.55 19.95 12.21
C GLY D 146 -27.21 20.46 12.69
N ALA D 147 -26.13 19.84 12.22
CA ALA D 147 -24.76 20.24 12.53
C ALA D 147 -24.22 21.00 11.32
N THR D 148 -23.19 21.78 11.53
CA THR D 148 -22.51 22.56 10.47
C THR D 148 -21.03 22.24 10.57
N CYS D 149 -20.42 21.82 9.47
CA CYS D 149 -18.97 21.63 9.42
C CYS D 149 -18.40 22.24 8.14
N ALA D 150 -17.10 22.53 8.18
CA ALA D 150 -16.41 23.23 7.10
C ALA D 150 -15.01 22.64 6.94
N VAL D 151 -14.54 22.63 5.71
CA VAL D 151 -13.17 22.15 5.40
C VAL D 151 -12.69 22.94 4.18
N LYS D 152 -11.49 23.49 4.29
CA LYS D 152 -10.85 24.34 3.27
C LYS D 152 -9.99 23.45 2.38
N PHE D 153 -10.01 23.72 1.08
CA PHE D 153 -9.20 23.05 0.07
C PHE D 153 -8.35 24.10 -0.63
N GLY D 154 -7.11 23.77 -0.89
CA GLY D 154 -6.24 24.66 -1.65
C GLY D 154 -4.91 24.00 -1.86
N SER D 155 -4.05 24.69 -2.59
CA SER D 155 -2.65 24.25 -2.81
C SER D 155 -1.96 24.18 -1.45
N TRP D 156 -1.13 23.17 -1.25
CA TRP D 156 -0.36 23.08 0.00
C TRP D 156 0.85 24.01 -0.07
N VAL D 157 1.47 24.18 -1.25
CA VAL D 157 2.83 24.78 -1.35
C VAL D 157 2.85 26.03 -2.23
N TYR D 158 1.81 26.30 -3.03
CA TYR D 158 1.74 27.50 -3.90
C TYR D 158 0.81 28.55 -3.29
N SER D 159 1.29 29.78 -3.22
CA SER D 159 0.49 30.95 -2.79
C SER D 159 -0.42 31.39 -3.95
N GLY D 160 -1.27 32.37 -3.71
CA GLY D 160 -2.11 33.02 -4.74
C GLY D 160 -1.28 33.69 -5.84
N PHE D 161 0.02 33.92 -5.64
CA PHE D 161 0.91 34.45 -6.71
C PHE D 161 1.14 33.38 -7.78
N GLU D 162 1.08 32.08 -7.44
CA GLU D 162 1.38 31.00 -8.42
C GLU D 162 0.10 30.26 -8.83
N ILE D 163 -0.74 29.90 -7.86
CA ILE D 163 -2.01 29.17 -8.14
C ILE D 163 -3.16 30.01 -7.61
N ASP D 164 -4.02 30.42 -8.51
CA ASP D 164 -5.30 31.08 -8.17
C ASP D 164 -6.35 29.98 -8.27
N LEU D 165 -7.38 30.08 -7.43
CA LEU D 165 -8.50 29.11 -7.39
C LEU D 165 -9.75 29.84 -7.81
N LYS D 166 -10.62 29.14 -8.51
CA LYS D 166 -11.91 29.69 -8.96
C LYS D 166 -12.95 28.61 -8.71
N THR D 167 -14.21 29.00 -8.52
CA THR D 167 -15.40 28.12 -8.58
C THR D 167 -16.33 28.66 -9.68
N ASP D 168 -17.08 27.78 -10.35
CA ASP D 168 -18.08 28.20 -11.38
C ASP D 168 -19.38 28.57 -10.68
N THR D 169 -19.57 28.10 -9.46
CA THR D 169 -20.79 28.33 -8.64
C THR D 169 -20.42 28.14 -7.18
N ASP D 170 -21.17 28.75 -6.25
CA ASP D 170 -20.91 28.56 -4.80
C ASP D 170 -21.80 27.41 -4.29
N GLN D 171 -22.55 26.75 -5.18
CA GLN D 171 -23.45 25.64 -4.80
C GLN D 171 -22.76 24.31 -5.08
N VAL D 172 -22.50 23.54 -4.02
CA VAL D 172 -22.04 22.13 -4.16
C VAL D 172 -23.11 21.39 -4.93
N ASP D 173 -22.71 20.55 -5.88
CA ASP D 173 -23.62 19.73 -6.69
C ASP D 173 -24.14 18.60 -5.78
N LEU D 174 -25.44 18.60 -5.51
CA LEU D 174 -26.11 17.56 -4.69
C LEU D 174 -26.99 16.67 -5.56
N SER D 175 -26.88 16.73 -6.89
CA SER D 175 -27.73 15.95 -7.83
C SER D 175 -27.40 14.45 -7.73
N SER D 176 -26.24 14.07 -7.17
CA SER D 176 -25.84 12.66 -6.95
C SER D 176 -25.84 12.28 -5.46
N TYR D 177 -26.43 13.08 -4.56
CA TYR D 177 -26.34 12.77 -3.12
C TYR D 177 -27.19 11.53 -2.85
N TYR D 178 -26.65 10.60 -2.08
CA TYR D 178 -27.29 9.29 -1.80
C TYR D 178 -28.60 9.54 -1.03
N ALA D 179 -29.73 9.20 -1.64
CA ALA D 179 -31.09 9.49 -1.15
C ALA D 179 -31.36 8.74 0.17
N SER D 180 -30.65 7.64 0.46
CA SER D 180 -30.84 6.88 1.71
C SER D 180 -29.61 6.97 2.63
N SER D 181 -28.84 8.04 2.55
CA SER D 181 -27.78 8.34 3.56
C SER D 181 -28.39 8.40 4.96
N LYS D 182 -27.58 8.12 5.98
CA LYS D 182 -27.94 8.37 7.40
C LYS D 182 -28.21 9.85 7.61
N TYR D 183 -27.60 10.71 6.79
CA TYR D 183 -27.64 12.18 6.93
C TYR D 183 -28.26 12.81 5.69
N GLU D 184 -29.23 13.71 5.90
CA GLU D 184 -29.76 14.54 4.81
C GLU D 184 -29.03 15.89 4.84
N ILE D 185 -28.83 16.45 3.65
CA ILE D 185 -28.13 17.75 3.45
C ILE D 185 -29.17 18.86 3.54
N LEU D 186 -28.95 19.83 4.43
CA LEU D 186 -29.75 21.07 4.53
C LEU D 186 -29.13 22.12 3.61
N SER D 187 -27.80 22.18 3.52
CA SER D 187 -27.13 23.01 2.49
C SER D 187 -25.66 22.60 2.39
N ALA D 188 -25.06 22.93 1.25
CA ALA D 188 -23.68 22.59 0.91
C ALA D 188 -23.17 23.68 -0.03
N THR D 189 -22.23 24.48 0.46
CA THR D 189 -21.67 25.61 -0.32
C THR D 189 -20.15 25.44 -0.46
N GLN D 190 -19.61 26.07 -1.49
CA GLN D 190 -18.18 26.02 -1.86
C GLN D 190 -17.80 27.46 -2.20
N THR D 191 -17.00 28.11 -1.35
CA THR D 191 -16.72 29.56 -1.40
C THR D 191 -15.22 29.80 -1.47
N ARG D 192 -14.76 30.46 -2.52
CA ARG D 192 -13.38 30.97 -2.66
C ARG D 192 -13.15 32.05 -1.58
N GLN D 193 -12.03 31.94 -0.88
CA GLN D 193 -11.57 32.83 0.21
C GLN D 193 -10.12 33.22 -0.08
N VAL D 194 -9.77 34.49 0.19
CA VAL D 194 -8.39 35.01 0.08
C VAL D 194 -8.01 35.44 1.47
N GLN D 195 -6.85 35.00 1.95
CA GLN D 195 -6.37 35.28 3.31
C GLN D 195 -4.90 35.73 3.23
N HIS D 196 -4.47 36.46 4.26
CA HIS D 196 -3.06 36.68 4.65
C HIS D 196 -2.84 35.92 5.97
N TYR D 197 -1.85 35.03 6.05
CA TYR D 197 -1.40 34.34 7.29
C TYR D 197 -0.28 35.14 7.95
N SER D 198 -0.17 35.08 9.28
CA SER D 198 0.81 35.85 10.09
C SER D 198 2.24 35.58 9.58
N CYS D 199 2.60 34.30 9.41
CA CYS D 199 3.93 33.80 8.93
C CYS D 199 4.46 34.57 7.70
N CYS D 200 3.61 34.85 6.72
CA CYS D 200 4.00 35.07 5.30
C CYS D 200 3.34 36.33 4.73
N PRO D 201 3.93 37.01 3.74
CA PRO D 201 3.30 38.18 3.11
C PRO D 201 2.42 37.94 1.85
N GLU D 202 2.45 36.73 1.27
CA GLU D 202 1.70 36.42 0.03
C GLU D 202 0.22 36.22 0.35
N PRO D 203 -0.70 36.49 -0.60
CA PRO D 203 -2.10 36.15 -0.40
C PRO D 203 -2.25 34.63 -0.56
N TYR D 204 -3.12 34.01 0.24
CA TYR D 204 -3.40 32.56 0.15
C TYR D 204 -4.87 32.37 -0.20
N ILE D 205 -5.14 31.40 -1.08
CA ILE D 205 -6.49 31.17 -1.68
C ILE D 205 -6.93 29.79 -1.27
N ASP D 206 -8.17 29.66 -0.87
CA ASP D 206 -8.76 28.33 -0.56
C ASP D 206 -10.19 28.34 -1.07
N VAL D 207 -10.79 27.17 -1.21
CA VAL D 207 -12.25 27.01 -1.41
C VAL D 207 -12.77 26.36 -0.13
N ASN D 208 -13.71 27.01 0.53
CA ASN D 208 -14.28 26.56 1.83
C ASN D 208 -15.56 25.76 1.54
N LEU D 209 -15.52 24.45 1.79
CA LEU D 209 -16.69 23.57 1.69
C LEU D 209 -17.43 23.59 3.03
N VAL D 210 -18.67 24.09 3.03
CA VAL D 210 -19.49 24.21 4.27
C VAL D 210 -20.71 23.32 4.07
N VAL D 211 -20.90 22.38 4.98
CA VAL D 211 -22.02 21.40 4.90
C VAL D 211 -22.82 21.48 6.18
N LYS D 212 -24.12 21.70 6.01
CA LYS D 212 -25.13 21.63 7.08
C LYS D 212 -25.96 20.38 6.83
N PHE D 213 -26.08 19.52 7.84
CA PHE D 213 -26.65 18.17 7.67
C PHE D 213 -27.27 17.76 9.00
N ARG D 214 -28.22 16.83 8.94
CA ARG D 214 -28.88 16.27 10.12
C ARG D 214 -29.25 14.82 9.84
N GLU D 215 -29.45 14.05 10.91
CA GLU D 215 -29.86 12.63 10.85
C GLU D 215 -31.22 12.56 10.15
N ARG D 216 -31.39 11.64 9.20
CA ARG D 216 -32.59 11.53 8.34
C ARG D 216 -33.78 11.09 9.20
N LYS E 8 5.83 34.57 -21.24
CA LYS E 8 5.62 33.51 -20.17
C LYS E 8 6.37 32.23 -20.55
N LEU E 9 6.66 32.03 -21.84
CA LEU E 9 7.46 30.89 -22.39
C LEU E 9 8.89 30.97 -21.84
N HIS E 10 9.44 32.19 -21.72
CA HIS E 10 10.81 32.48 -21.21
C HIS E 10 10.94 32.03 -19.75
N SER E 11 9.95 32.37 -18.91
CA SER E 11 9.90 32.00 -17.47
C SER E 11 9.95 30.46 -17.32
N GLN E 12 9.07 29.74 -18.01
CA GLN E 12 9.00 28.25 -17.99
C GLN E 12 10.35 27.68 -18.43
N ALA E 13 10.91 28.13 -19.56
CA ALA E 13 12.19 27.65 -20.10
C ALA E 13 13.29 27.81 -19.02
N ASN E 14 13.39 29.01 -18.43
CA ASN E 14 14.39 29.34 -17.39
C ASN E 14 14.22 28.44 -16.16
N LEU E 15 12.98 28.21 -15.73
CA LEU E 15 12.69 27.33 -14.55
C LEU E 15 13.15 25.91 -14.89
N MET E 16 12.75 25.39 -16.06
CA MET E 16 13.12 24.02 -16.53
C MET E 16 14.65 23.90 -16.61
N ARG E 17 15.32 24.94 -17.11
CA ARG E 17 16.81 24.99 -17.27
C ARG E 17 17.44 24.88 -15.87
N LEU E 18 16.98 25.71 -14.91
CA LEU E 18 17.51 25.76 -13.52
C LEU E 18 17.47 24.36 -12.88
N LYS E 19 16.30 23.70 -12.95
CA LYS E 19 16.06 22.39 -12.31
C LYS E 19 16.98 21.33 -12.92
N SER E 20 17.15 21.36 -14.25
CA SER E 20 18.08 20.48 -15.02
C SER E 20 19.52 20.68 -14.55
N ASP E 21 19.99 21.92 -14.45
CA ASP E 21 21.37 22.28 -14.01
C ASP E 21 21.61 21.77 -12.58
N LEU E 22 20.68 22.04 -11.65
CA LEU E 22 20.79 21.65 -10.21
C LEU E 22 20.81 20.12 -10.13
N PHE E 23 19.83 19.47 -10.75
CA PHE E 23 19.69 17.98 -10.82
C PHE E 23 20.24 17.51 -12.16
N TYR E 29 22.95 14.86 -3.53
CA TYR E 29 23.57 15.15 -2.21
C TYR E 29 23.56 13.86 -1.39
N PRO E 30 24.72 13.43 -0.85
CA PRO E 30 24.82 12.17 -0.11
C PRO E 30 24.48 12.27 1.39
N GLY E 31 24.04 13.46 1.83
CA GLY E 31 23.66 13.68 3.24
C GLY E 31 24.80 14.31 4.02
N PRO E 32 24.53 14.76 5.27
CA PRO E 32 25.53 15.44 6.08
C PRO E 32 26.58 14.46 6.63
N THR E 33 27.73 14.99 7.04
CA THR E 33 28.83 14.22 7.67
C THR E 33 29.42 15.08 8.79
N LYS E 34 30.37 14.52 9.56
CA LYS E 34 31.12 15.28 10.59
C LYS E 34 31.80 16.49 9.95
N ASP E 35 32.24 16.38 8.69
CA ASP E 35 33.01 17.44 7.97
C ASP E 35 32.06 18.42 7.27
N ASP E 36 30.85 17.99 6.91
CA ASP E 36 29.83 18.83 6.22
C ASP E 36 28.51 18.68 6.97
N PRO E 37 28.45 19.13 8.25
CA PRO E 37 27.25 18.94 9.07
C PRO E 37 26.17 19.93 8.64
N LEU E 38 24.94 19.63 9.07
CA LEU E 38 23.71 20.31 8.63
C LEU E 38 22.96 20.74 9.88
N THR E 39 22.30 21.88 9.83
CA THR E 39 21.34 22.29 10.88
C THR E 39 19.92 22.17 10.32
N VAL E 40 19.04 21.49 11.05
CA VAL E 40 17.61 21.37 10.68
C VAL E 40 16.80 22.14 11.71
N THR E 41 16.06 23.17 11.28
CA THR E 41 15.14 23.93 12.15
C THR E 41 13.76 23.24 12.08
N LEU E 42 13.22 22.89 13.24
CA LEU E 42 11.88 22.24 13.33
C LEU E 42 10.93 23.19 14.04
N GLY E 43 9.69 23.25 13.56
CA GLY E 43 8.60 23.89 14.29
C GLY E 43 7.31 23.12 14.09
N PHE E 44 6.51 22.99 15.15
CA PHE E 44 5.24 22.24 15.10
C PHE E 44 4.09 23.23 15.15
N THR E 45 3.08 22.93 14.36
CA THR E 45 1.75 23.58 14.36
C THR E 45 0.74 22.49 14.74
N LEU E 46 0.24 22.50 15.97
CA LEU E 46 -0.69 21.45 16.42
C LEU E 46 -2.09 21.77 15.93
N GLN E 47 -2.74 20.86 15.22
CA GLN E 47 -4.09 21.13 14.68
C GLN E 47 -5.17 20.44 15.50
N ASP E 48 -4.91 19.23 15.99
CA ASP E 48 -5.98 18.46 16.65
C ASP E 48 -5.38 17.34 17.50
N ILE E 49 -5.88 17.19 18.72
CA ILE E 49 -5.82 15.89 19.42
C ILE E 49 -7.11 15.16 19.05
N VAL E 50 -7.02 14.13 18.22
CA VAL E 50 -8.21 13.46 17.64
C VAL E 50 -8.78 12.47 18.64
N LYS E 51 -7.89 11.72 19.29
CA LYS E 51 -8.23 10.50 20.05
C LYS E 51 -7.25 10.33 21.21
N ALA E 52 -7.75 9.96 22.39
CA ALA E 52 -6.92 9.59 23.54
C ALA E 52 -7.45 8.24 24.04
N ASP E 53 -6.64 7.18 23.95
CA ASP E 53 -7.10 5.81 24.24
C ASP E 53 -6.53 5.39 25.58
N SER E 54 -7.34 5.38 26.63
CA SER E 54 -6.87 5.02 28.00
C SER E 54 -6.72 3.50 28.11
N SER E 55 -7.22 2.71 27.15
CA SER E 55 -7.07 1.22 27.21
C SER E 55 -5.67 0.82 26.76
N THR E 56 -5.00 1.61 25.91
CA THR E 56 -3.65 1.31 25.37
C THR E 56 -2.63 2.43 25.66
N ASN E 57 -3.04 3.56 26.22
CA ASN E 57 -2.16 4.73 26.46
C ASN E 57 -1.48 5.11 25.13
N GLU E 58 -2.34 5.40 24.15
CA GLU E 58 -1.99 5.96 22.83
C GLU E 58 -2.86 7.19 22.57
N VAL E 59 -2.24 8.27 22.13
CA VAL E 59 -2.94 9.52 21.75
C VAL E 59 -2.59 9.84 20.31
N ASP E 60 -3.59 10.31 19.58
CA ASP E 60 -3.44 10.60 18.13
C ASP E 60 -3.46 12.12 17.93
N LEU E 61 -2.40 12.67 17.35
CA LEU E 61 -2.26 14.10 17.07
C LEU E 61 -2.28 14.31 15.58
N VAL E 62 -2.85 15.43 15.14
CA VAL E 62 -2.70 15.92 13.75
C VAL E 62 -1.95 17.24 13.85
N TYR E 63 -0.86 17.37 13.08
CA TYR E 63 -0.01 18.57 13.12
C TYR E 63 0.69 18.74 11.77
N TYR E 64 1.23 19.93 11.57
CA TYR E 64 2.15 20.28 10.47
C TYR E 64 3.52 20.41 11.12
N GLU E 65 4.54 19.80 10.51
CA GLU E 65 5.91 19.82 11.03
C GLU E 65 6.75 20.61 10.04
N GLN E 66 7.15 21.84 10.38
CA GLN E 66 7.94 22.68 9.47
C GLN E 66 9.41 22.28 9.60
N GLN E 67 10.06 21.88 8.52
CA GLN E 67 11.50 21.55 8.52
C GLN E 67 12.23 22.52 7.59
N ARG E 68 13.35 23.07 8.05
CA ARG E 68 14.15 24.01 7.24
C ARG E 68 15.61 23.59 7.30
N TRP E 69 16.27 23.61 6.16
CA TRP E 69 17.74 23.40 6.13
C TRP E 69 18.30 24.11 4.90
N LYS E 70 19.62 24.18 4.82
CA LYS E 70 20.33 24.98 3.81
C LYS E 70 21.50 24.15 3.27
N LEU E 71 21.55 23.94 1.95
CA LEU E 71 22.67 23.24 1.26
C LEU E 71 23.35 24.19 0.27
N ASN E 72 24.68 24.24 0.31
CA ASN E 72 25.52 25.01 -0.67
C ASN E 72 25.23 24.54 -2.09
N SER E 73 24.98 23.24 -2.28
CA SER E 73 24.73 22.57 -3.59
C SER E 73 23.36 22.95 -4.18
N LEU E 74 22.51 23.66 -3.44
CA LEU E 74 21.17 24.07 -3.95
C LEU E 74 21.14 25.59 -4.24
N MET E 75 22.29 26.27 -4.11
CA MET E 75 22.42 27.72 -4.38
C MET E 75 22.52 27.96 -5.89
N TRP E 76 21.97 29.10 -6.32
CA TRP E 76 22.08 29.59 -7.73
C TRP E 76 22.00 31.12 -7.72
N ASP E 77 22.46 31.75 -8.79
CA ASP E 77 22.36 33.20 -9.04
C ASP E 77 21.06 33.48 -9.77
N PRO E 78 20.08 34.20 -9.15
CA PRO E 78 18.80 34.49 -9.82
C PRO E 78 18.97 35.21 -11.18
N ASN E 79 20.02 36.03 -11.33
CA ASN E 79 20.29 36.77 -12.58
C ASN E 79 20.60 35.80 -13.72
N GLU E 80 21.21 34.65 -13.41
CA GLU E 80 21.58 33.63 -14.41
C GLU E 80 20.35 32.83 -14.85
N TYR E 81 19.23 32.93 -14.12
CA TYR E 81 18.02 32.10 -14.36
C TYR E 81 16.78 32.99 -14.37
N GLY E 82 16.86 34.12 -15.08
CA GLY E 82 15.73 35.04 -15.33
C GLY E 82 15.08 35.52 -14.05
N ASN E 83 15.86 35.76 -12.99
CA ASN E 83 15.39 36.36 -11.72
C ASN E 83 14.49 35.37 -10.93
N ILE E 84 14.55 34.08 -11.25
CA ILE E 84 13.89 33.03 -10.40
C ILE E 84 14.57 33.03 -9.02
N THR E 85 13.80 33.28 -7.94
CA THR E 85 14.32 33.35 -6.55
C THR E 85 13.93 32.08 -5.78
N ASP E 86 13.00 31.28 -6.29
CA ASP E 86 12.63 30.00 -5.65
C ASP E 86 11.79 29.15 -6.60
N PHE E 87 11.63 27.87 -6.26
CA PHE E 87 10.78 26.92 -7.02
C PHE E 87 10.23 25.87 -6.06
N ARG E 88 9.13 25.24 -6.48
CA ARG E 88 8.52 24.07 -5.78
C ARG E 88 9.08 22.81 -6.44
N THR E 89 9.37 21.78 -5.66
CA THR E 89 9.84 20.48 -6.22
C THR E 89 9.36 19.33 -5.35
N SER E 90 9.16 18.17 -5.97
CA SER E 90 8.85 16.92 -5.26
C SER E 90 9.92 16.67 -4.19
N ALA E 91 9.53 16.33 -2.96
CA ALA E 91 10.48 15.93 -1.89
C ALA E 91 11.35 14.75 -2.34
N ALA E 92 10.87 13.92 -3.28
CA ALA E 92 11.62 12.78 -3.88
C ALA E 92 12.83 13.26 -4.67
N ASP E 93 12.78 14.49 -5.20
CA ASP E 93 13.82 15.07 -6.08
C ASP E 93 15.05 15.50 -5.28
N ILE E 94 14.93 15.68 -3.97
CA ILE E 94 15.99 16.32 -3.13
C ILE E 94 16.26 15.44 -1.92
N TRP E 95 17.40 15.65 -1.25
CA TRP E 95 17.66 15.04 0.07
C TRP E 95 16.70 15.65 1.11
N THR E 96 16.14 14.83 2.00
CA THR E 96 15.33 15.29 3.16
C THR E 96 15.85 14.60 4.40
N PRO E 97 15.75 15.25 5.57
CA PRO E 97 16.23 14.66 6.82
C PRO E 97 15.28 13.59 7.37
N ASP E 98 15.85 12.63 8.08
CA ASP E 98 15.14 11.44 8.58
C ASP E 98 14.57 11.76 9.98
N ILE E 99 13.87 12.87 10.12
CA ILE E 99 13.30 13.32 11.41
C ILE E 99 12.17 12.35 11.72
N THR E 100 12.21 11.77 12.91
CA THR E 100 11.37 10.65 13.34
C THR E 100 10.89 10.89 14.76
N ALA E 101 9.64 10.55 15.03
CA ALA E 101 9.12 10.47 16.42
C ALA E 101 9.79 9.27 17.08
N TYR E 102 10.29 9.41 18.31
CA TYR E 102 10.98 8.32 19.05
C TYR E 102 10.00 7.40 19.83
N SER E 103 8.73 7.75 19.95
CA SER E 103 7.75 6.93 20.72
C SER E 103 6.43 6.80 19.96
N SER E 104 6.45 6.75 18.62
CA SER E 104 5.25 6.40 17.81
C SER E 104 4.86 4.95 18.13
N THR E 105 3.58 4.62 17.99
CA THR E 105 3.06 3.24 18.16
C THR E 105 2.52 2.73 16.83
N ARG E 106 2.45 3.58 15.83
CA ARG E 106 1.99 3.22 14.46
CA ARG E 106 2.00 3.21 14.47
C ARG E 106 2.72 4.08 13.45
N PRO E 107 2.85 3.62 12.20
CA PRO E 107 3.55 4.42 11.19
C PRO E 107 2.83 5.75 11.05
N VAL E 108 3.59 6.80 10.87
CA VAL E 108 2.99 8.15 10.65
CA VAL E 108 3.00 8.16 10.66
C VAL E 108 2.22 8.15 9.32
N GLN E 109 1.05 8.80 9.31
CA GLN E 109 0.21 8.92 8.09
C GLN E 109 0.38 10.34 7.54
N VAL E 110 0.83 10.46 6.30
CA VAL E 110 1.12 11.77 5.67
C VAL E 110 -0.19 12.31 5.08
N LEU E 111 -0.52 13.55 5.40
CA LEU E 111 -1.83 14.15 5.04
C LEU E 111 -1.67 15.23 3.97
N SER E 112 -0.45 15.59 3.60
CA SER E 112 -0.17 16.67 2.62
C SER E 112 0.75 16.16 1.53
N PRO E 113 0.78 16.85 0.36
CA PRO E 113 1.68 16.50 -0.75
C PRO E 113 3.16 16.57 -0.37
N GLN E 114 3.97 15.65 -0.87
CA GLN E 114 5.42 15.60 -0.53
C GLN E 114 6.14 16.56 -1.47
N ILE E 115 5.97 17.86 -1.25
CA ILE E 115 6.57 18.94 -2.10
C ILE E 115 7.29 19.94 -1.20
N ALA E 116 8.49 20.36 -1.59
CA ALA E 116 9.31 21.35 -0.82
C ALA E 116 9.51 22.62 -1.66
N VAL E 117 9.85 23.71 -0.99
CA VAL E 117 10.19 25.02 -1.64
C VAL E 117 11.70 25.22 -1.48
N VAL E 118 12.41 25.39 -2.60
CA VAL E 118 13.88 25.61 -2.60
C VAL E 118 14.11 27.07 -3.00
N THR E 119 14.92 27.82 -2.24
CA THR E 119 15.25 29.26 -2.47
C THR E 119 16.69 29.40 -2.95
N HIS E 120 16.99 30.46 -3.72
CA HIS E 120 18.30 30.69 -4.39
C HIS E 120 19.47 30.68 -3.40
N ASP E 121 19.25 30.90 -2.10
CA ASP E 121 20.30 30.88 -1.05
C ASP E 121 20.60 29.44 -0.59
N GLY E 122 19.95 28.44 -1.20
CA GLY E 122 20.16 27.02 -0.89
C GLY E 122 19.25 26.52 0.23
N SER E 123 18.37 27.37 0.76
CA SER E 123 17.44 26.99 1.86
C SER E 123 16.26 26.19 1.30
N VAL E 124 15.79 25.23 2.09
CA VAL E 124 14.69 24.30 1.75
C VAL E 124 13.70 24.39 2.91
N MET E 125 12.42 24.52 2.57
CA MET E 125 11.31 24.48 3.55
C MET E 125 10.35 23.38 3.10
N PHE E 126 10.11 22.44 4.00
CA PHE E 126 9.25 21.26 3.78
C PHE E 126 8.30 21.17 4.98
N ILE E 127 6.99 21.14 4.73
CA ILE E 127 5.97 21.20 5.82
C ILE E 127 5.00 20.03 5.69
N PRO E 128 5.41 18.78 5.99
CA PRO E 128 4.47 17.66 5.97
C PRO E 128 3.43 17.76 7.11
N ALA E 129 2.16 17.70 6.74
CA ALA E 129 1.03 17.45 7.65
C ALA E 129 1.00 15.94 7.96
N GLN E 130 0.79 15.58 9.23
CA GLN E 130 0.92 14.18 9.68
C GLN E 130 -0.15 13.89 10.74
N ARG E 131 -0.61 12.64 10.75
CA ARG E 131 -1.29 12.05 11.93
C ARG E 131 -0.33 11.05 12.58
N LEU E 132 -0.12 11.21 13.88
CA LEU E 132 0.81 10.39 14.71
C LEU E 132 0.02 9.78 15.87
N SER E 133 0.14 8.47 16.07
CA SER E 133 -0.20 7.77 17.31
C SER E 133 1.08 7.62 18.12
N PHE E 134 1.08 8.07 19.39
CA PHE E 134 2.28 8.02 20.24
C PHE E 134 1.89 7.64 21.68
N MET E 135 2.91 7.21 22.41
CA MET E 135 2.81 6.69 23.78
C MET E 135 2.42 7.82 24.72
N CYS E 136 1.25 7.73 25.33
CA CYS E 136 0.68 8.83 26.13
C CYS E 136 -0.40 8.26 27.06
N ASP E 137 -0.23 8.50 28.35
CA ASP E 137 -1.24 8.15 29.39
C ASP E 137 -2.11 9.37 29.58
N PRO E 138 -3.39 9.32 29.16
CA PRO E 138 -4.27 10.48 29.28
C PRO E 138 -4.92 10.68 30.66
N THR E 139 -4.59 9.86 31.67
CA THR E 139 -5.13 9.97 33.06
C THR E 139 -5.11 11.43 33.51
N GLY E 140 -6.24 11.96 33.99
CA GLY E 140 -6.36 13.34 34.47
C GLY E 140 -6.81 14.30 33.39
N VAL E 141 -7.01 13.82 32.15
CA VAL E 141 -7.57 14.63 31.05
C VAL E 141 -8.95 15.18 31.46
N ASP E 142 -9.69 14.48 32.31
CA ASP E 142 -11.04 14.95 32.76
C ASP E 142 -10.94 15.76 34.06
N SER E 143 -9.77 16.29 34.42
CA SER E 143 -9.58 17.12 35.64
C SER E 143 -9.14 18.54 35.23
N GLU E 144 -9.19 19.49 36.16
CA GLU E 144 -8.77 20.89 35.93
C GLU E 144 -7.32 20.91 35.41
N GLU E 145 -6.45 20.06 35.95
CA GLU E 145 -4.98 20.05 35.69
C GLU E 145 -4.72 19.43 34.31
N GLY E 146 -5.65 18.61 33.81
CA GLY E 146 -5.49 17.91 32.52
C GLY E 146 -4.41 16.83 32.56
N ALA E 147 -4.03 16.31 31.41
CA ALA E 147 -2.99 15.29 31.25
C ALA E 147 -1.78 15.94 30.60
N THR E 148 -0.59 15.40 30.85
CA THR E 148 0.64 15.85 30.17
C THR E 148 1.25 14.66 29.46
N CYS E 149 1.53 14.80 28.18
CA CYS E 149 2.30 13.82 27.39
C CYS E 149 3.39 14.54 26.61
N ALA E 150 4.37 13.77 26.18
CA ALA E 150 5.59 14.25 25.51
C ALA E 150 6.06 13.22 24.47
N VAL E 151 6.56 13.72 23.36
CA VAL E 151 7.15 12.89 22.29
C VAL E 151 8.35 13.64 21.73
N LYS E 152 9.48 12.94 21.61
CA LYS E 152 10.75 13.50 21.12
C LYS E 152 10.82 13.24 19.61
N PHE E 153 11.31 14.22 18.87
CA PHE E 153 11.56 14.13 17.41
C PHE E 153 13.05 14.34 17.18
N GLY E 154 13.63 13.52 16.31
CA GLY E 154 15.05 13.67 15.95
C GLY E 154 15.43 12.78 14.79
N SER E 155 16.67 12.95 14.31
CA SER E 155 17.26 12.03 13.31
C SER E 155 17.28 10.63 13.92
N TRP E 156 16.94 9.64 13.11
CA TRP E 156 17.06 8.24 13.54
C TRP E 156 18.52 7.78 13.49
N VAL E 157 19.30 8.23 12.50
CA VAL E 157 20.64 7.63 12.24
C VAL E 157 21.77 8.65 12.39
N TYR E 158 21.50 9.96 12.48
CA TYR E 158 22.61 10.95 12.53
C TYR E 158 22.74 11.53 13.94
N SER E 159 23.97 11.60 14.44
CA SER E 159 24.33 12.21 15.75
C SER E 159 24.28 13.73 15.60
N GLY E 160 24.41 14.44 16.73
CA GLY E 160 24.60 15.91 16.84
C GLY E 160 25.81 16.44 16.05
N PHE E 161 26.77 15.59 15.68
CA PHE E 161 27.96 15.99 14.88
C PHE E 161 27.62 16.07 13.39
N GLU E 162 26.54 15.43 12.94
CA GLU E 162 26.14 15.43 11.51
C GLU E 162 24.90 16.30 11.31
N ILE E 163 23.90 16.20 12.19
CA ILE E 163 22.67 17.03 12.12
C ILE E 163 22.48 17.71 13.48
N ASP E 164 22.55 19.04 13.48
CA ASP E 164 22.12 19.82 14.66
C ASP E 164 20.63 20.11 14.48
N LEU E 165 19.87 20.02 15.55
CA LEU E 165 18.44 20.41 15.57
C LEU E 165 18.30 21.72 16.34
N LYS E 166 17.38 22.57 15.92
CA LYS E 166 17.00 23.77 16.69
C LYS E 166 15.55 24.10 16.40
N THR E 167 14.99 24.96 17.24
CA THR E 167 13.68 25.60 17.06
C THR E 167 13.93 27.11 16.92
N ASP E 168 13.04 27.82 16.26
CA ASP E 168 13.02 29.31 16.21
C ASP E 168 12.36 29.82 17.49
N THR E 169 11.49 29.00 18.10
CA THR E 169 10.72 29.37 19.32
C THR E 169 10.41 28.08 20.08
N ASP E 170 10.28 28.14 21.40
CA ASP E 170 9.92 26.93 22.18
C ASP E 170 8.38 26.84 22.29
N GLN E 171 7.63 27.79 21.73
CA GLN E 171 6.15 27.78 21.76
C GLN E 171 5.64 27.08 20.50
N VAL E 172 4.89 26.00 20.66
CA VAL E 172 4.20 25.31 19.54
C VAL E 172 3.17 26.28 18.97
N ASP E 173 3.07 26.39 17.65
CA ASP E 173 2.03 27.25 17.01
C ASP E 173 0.66 26.63 17.26
N LEU E 174 -0.21 27.33 18.00
CA LEU E 174 -1.58 26.85 18.28
C LEU E 174 -2.61 27.67 17.51
N SER E 175 -2.18 28.55 16.62
CA SER E 175 -3.06 29.52 15.93
C SER E 175 -4.03 28.78 14.99
N SER E 176 -3.75 27.51 14.66
CA SER E 176 -4.59 26.68 13.76
C SER E 176 -5.21 25.50 14.53
N TYR E 177 -5.17 25.49 15.87
CA TYR E 177 -5.71 24.35 16.64
C TYR E 177 -7.23 24.36 16.49
N TYR E 178 -7.81 23.21 16.17
CA TYR E 178 -9.26 23.02 15.91
C TYR E 178 -10.07 23.44 17.15
N ALA E 179 -10.88 24.50 17.01
CA ALA E 179 -11.64 25.12 18.13
C ALA E 179 -12.70 24.17 18.68
N SER E 180 -13.12 23.15 17.94
CA SER E 180 -14.18 22.21 18.40
C SER E 180 -13.61 20.81 18.59
N SER E 181 -12.30 20.69 18.81
CA SER E 181 -11.66 19.41 19.21
C SER E 181 -12.32 18.91 20.50
N LYS E 182 -12.34 17.60 20.67
CA LYS E 182 -12.69 16.94 21.95
C LYS E 182 -11.72 17.38 23.05
N TYR E 183 -10.51 17.86 22.71
CA TYR E 183 -9.50 18.24 23.72
C TYR E 183 -9.04 19.68 23.48
N GLU E 184 -8.97 20.46 24.55
CA GLU E 184 -8.41 21.82 24.53
C GLU E 184 -6.96 21.73 25.00
N ILE E 185 -6.10 22.59 24.45
CA ILE E 185 -4.65 22.63 24.77
C ILE E 185 -4.44 23.63 25.89
N LEU E 186 -3.90 23.17 27.01
CA LEU E 186 -3.52 24.06 28.15
C LEU E 186 -2.15 24.66 27.84
N SER E 187 -1.22 23.87 27.30
CA SER E 187 0.08 24.38 26.81
C SER E 187 0.71 23.38 25.86
N ALA E 188 1.61 23.86 25.02
CA ALA E 188 2.34 23.02 24.05
C ALA E 188 3.69 23.66 23.80
N THR E 189 4.78 22.96 24.15
CA THR E 189 6.15 23.49 24.02
C THR E 189 6.95 22.57 23.11
N GLN E 190 8.01 23.11 22.51
CA GLN E 190 8.95 22.36 21.64
C GLN E 190 10.37 22.78 22.03
N THR E 191 11.13 21.88 22.62
CA THR E 191 12.38 22.21 23.33
C THR E 191 13.49 21.30 22.82
N ARG E 192 14.55 21.91 22.32
CA ARG E 192 15.80 21.20 21.95
C ARG E 192 16.36 20.56 23.21
N GLN E 193 16.73 19.29 23.13
CA GLN E 193 17.44 18.55 24.20
C GLN E 193 18.69 17.89 23.60
N VAL E 194 19.74 17.82 24.41
CA VAL E 194 21.00 17.10 24.09
C VAL E 194 21.06 15.89 25.01
N GLN E 195 21.25 14.70 24.46
CA GLN E 195 21.27 13.44 25.22
C GLN E 195 22.48 12.58 24.87
N HIS E 196 22.80 11.66 25.78
CA HIS E 196 23.90 10.67 25.68
C HIS E 196 23.30 9.29 25.95
N TYR E 197 23.83 8.26 25.30
CA TYR E 197 23.45 6.85 25.51
C TYR E 197 24.71 6.07 25.88
N SER E 198 24.56 4.98 26.63
CA SER E 198 25.66 4.11 27.10
C SER E 198 26.44 3.56 25.90
N CYS E 199 25.71 3.15 24.85
CA CYS E 199 26.24 2.58 23.57
C CYS E 199 27.28 3.53 22.95
N CYS E 200 26.95 4.82 22.92
CA CYS E 200 27.41 5.80 21.92
C CYS E 200 28.03 6.99 22.65
N PRO E 201 29.29 7.37 22.33
CA PRO E 201 29.94 8.53 22.97
C PRO E 201 29.52 9.92 22.45
N GLU E 202 29.09 10.04 21.19
CA GLU E 202 28.73 11.33 20.52
C GLU E 202 27.37 11.80 21.01
N PRO E 203 27.13 13.14 21.08
CA PRO E 203 25.86 13.69 21.57
C PRO E 203 24.73 13.54 20.55
N TYR E 204 23.51 13.30 21.05
CA TYR E 204 22.27 13.14 20.24
C TYR E 204 21.29 14.28 20.58
N ILE E 205 20.63 14.80 19.55
CA ILE E 205 19.78 16.03 19.64
C ILE E 205 18.35 15.58 19.34
N ASP E 206 17.40 16.04 20.14
CA ASP E 206 15.98 15.81 19.85
C ASP E 206 15.23 17.11 20.16
N VAL E 207 14.05 17.27 19.58
CA VAL E 207 13.10 18.33 19.98
C VAL E 207 11.95 17.65 20.71
N ASN E 208 11.76 18.02 21.98
CA ASN E 208 10.77 17.39 22.87
C ASN E 208 9.46 18.18 22.78
N LEU E 209 8.42 17.56 22.24
CA LEU E 209 7.08 18.18 22.12
C LEU E 209 6.29 17.79 23.37
N VAL E 210 5.98 18.76 24.22
CA VAL E 210 5.23 18.51 25.49
C VAL E 210 3.87 19.17 25.35
N VAL E 211 2.80 18.38 25.45
CA VAL E 211 1.41 18.89 25.32
C VAL E 211 0.65 18.60 26.62
N LYS E 212 0.04 19.64 27.18
CA LYS E 212 -0.88 19.55 28.34
C LYS E 212 -2.27 19.85 27.80
N PHE E 213 -3.20 18.93 28.03
CA PHE E 213 -4.54 18.98 27.39
C PHE E 213 -5.58 18.41 28.36
N ARG E 214 -6.82 18.70 28.04
CA ARG E 214 -7.95 18.27 28.88
C ARG E 214 -9.23 18.30 28.07
N GLU E 215 -10.22 17.54 28.55
CA GLU E 215 -11.54 17.44 27.89
C GLU E 215 -12.12 18.86 27.79
N ARG E 216 -12.58 19.23 26.60
CA ARG E 216 -13.26 20.52 26.32
C ARG E 216 -14.55 20.54 27.13
N ARG E 217 -14.82 21.66 27.83
CA ARG E 217 -15.90 21.80 28.84
C ARG E 217 -16.91 22.85 28.36
#